data_8QBP
#
_entry.id   8QBP
#
_entity_poly.entity_id   1
_entity_poly.type   'polypeptide(L)'
_entity_poly.pdbx_seq_one_letter_code
;W(MVA)I(MVA)(MVA)(SAR)(MVA)(IML)(SAR)V(IML)(SAR)
;
_entity_poly.pdbx_strand_id   Z
#
# COMPACT_ATOMS: atom_id res chain seq x y z
N TRP A 1 -3.73 -3.49 -0.61
CA TRP A 1 -4.45 -2.96 -1.79
C TRP A 1 -5.55 -1.96 -1.39
N MVA A 2 -5.85 -0.83 -2.16
CN MVA A 2 -6.87 0.14 -1.70
CA MVA A 2 -5.18 -0.46 -3.45
CB MVA A 2 -6.17 -0.15 -4.61
CG1 MVA A 2 -5.40 0.07 -5.94
CG2 MVA A 2 -7.20 -1.30 -4.82
C MVA A 2 -4.10 0.65 -3.25
O MVA A 2 -4.35 1.83 -3.35
HN1 MVA A 2 -7.87 -0.22 -1.92
HN2 MVA A 2 -6.79 0.30 -0.62
HN3 MVA A 2 -6.74 1.11 -2.18
HA MVA A 2 -4.62 -1.33 -3.83
HB MVA A 2 -6.73 0.76 -4.39
HG11 MVA A 2 -6.09 0.23 -6.78
HG12 MVA A 2 -4.75 0.96 -5.87
HG13 MVA A 2 -4.76 -0.79 -6.17
HG21 MVA A 2 -7.79 -1.49 -3.92
HG22 MVA A 2 -7.90 -1.04 -5.63
HG23 MVA A 2 -6.71 -2.23 -5.10
N ILE A 3 -2.87 0.18 -2.94
CA ILE A 3 -1.71 0.98 -2.51
C ILE A 3 -2.12 1.92 -1.35
N MVA A 4 -2.34 1.41 -0.08
CN MVA A 4 -2.26 -0.03 0.24
CA MVA A 4 -2.93 2.27 1.02
CB MVA A 4 -4.44 1.85 1.21
CG1 MVA A 4 -4.72 0.78 2.30
CG2 MVA A 4 -5.37 3.07 1.42
C MVA A 4 -2.17 2.48 2.41
O MVA A 4 -2.77 3.05 3.30
HN1 MVA A 4 -2.17 -0.21 1.32
HN2 MVA A 4 -3.15 -0.56 -0.12
HN3 MVA A 4 -1.37 -0.47 -0.22
HA MVA A 4 -2.93 3.30 0.66
HB MVA A 4 -4.76 1.42 0.25
HG11 MVA A 4 -5.75 0.41 2.22
HG12 MVA A 4 -4.05 -0.09 2.23
HG13 MVA A 4 -4.60 1.20 3.31
HG21 MVA A 4 -5.25 3.79 0.60
HG22 MVA A 4 -6.42 2.78 1.45
HG23 MVA A 4 -5.14 3.59 2.37
N MVA A 5 -0.86 2.09 2.71
CN MVA A 5 0.07 1.44 1.76
CA MVA A 5 -0.35 2.14 4.14
CB MVA A 5 -0.75 0.86 4.95
CG1 MVA A 5 -0.29 0.96 6.42
CG2 MVA A 5 -2.26 0.51 4.94
C MVA A 5 1.17 2.41 4.35
O MVA A 5 1.98 1.51 4.19
HN1 MVA A 5 -0.03 0.34 1.81
HN2 MVA A 5 -0.09 1.79 0.73
HN3 MVA A 5 1.12 1.69 1.95
HA MVA A 5 -0.85 2.97 4.66
HB MVA A 5 -0.26 -0.01 4.47
HG11 MVA A 5 0.80 0.84 6.51
HG12 MVA A 5 -0.56 1.93 6.85
HG13 MVA A 5 -0.75 0.19 7.05
HG21 MVA A 5 -2.86 1.36 5.31
HG22 MVA A 5 -2.59 0.25 3.94
HG23 MVA A 5 -2.47 -0.35 5.59
N SAR A 6 1.66 3.67 4.70
CA SAR A 6 3.12 3.90 5.02
C SAR A 6 3.79 2.85 5.94
O SAR A 6 4.62 2.08 5.49
CN SAR A 6 0.82 4.87 4.84
HA2 SAR A 6 3.30 4.83 5.56
HA3 SAR A 6 3.72 3.93 4.10
HN1 SAR A 6 0.23 4.82 5.77
HN2 SAR A 6 0.13 4.96 4.01
HN3 SAR A 6 1.42 5.79 4.87
N MVA A 7 3.46 2.79 7.30
CN MVA A 7 2.52 3.75 7.91
CA MVA A 7 4.23 1.90 8.26
CB MVA A 7 5.14 2.70 9.25
CG1 MVA A 7 5.93 3.78 8.46
CG2 MVA A 7 4.48 3.29 10.51
C MVA A 7 3.61 0.54 8.76
O MVA A 7 4.32 -0.44 8.70
HN1 MVA A 7 2.36 3.55 8.97
HN2 MVA A 7 2.90 4.78 7.80
HN3 MVA A 7 1.55 3.69 7.41
HA MVA A 7 5.01 1.47 7.64
HB MVA A 7 5.87 1.97 9.61
HG11 MVA A 7 6.63 4.33 9.11
HG12 MVA A 7 6.50 3.31 7.65
HG13 MVA A 7 5.26 4.51 7.98
HG21 MVA A 7 3.90 4.19 10.28
HG22 MVA A 7 3.81 2.55 10.99
HG23 MVA A 7 5.23 3.57 11.25
N IML A 8 2.32 0.34 9.29
CA IML A 8 1.83 -1.01 9.73
C IML A 8 0.52 -1.51 9.01
O IML A 8 -0.59 -1.37 9.52
CB IML A 8 1.75 -1.14 11.29
CN IML A 8 1.29 1.36 9.54
CG2 IML A 8 1.59 -2.63 11.68
CG1 IML A 8 2.97 -0.46 11.99
CD1 IML A 8 2.96 -0.56 13.53
HA IML A 8 2.57 -1.76 9.43
HB IML A 8 0.84 -0.62 11.64
HN1 IML A 8 0.39 0.92 9.97
HN2 IML A 8 1.67 2.11 10.25
HN3 IML A 8 1.00 1.85 8.60
HG21 IML A 8 0.69 -3.06 11.23
HG22 IML A 8 2.45 -3.22 11.32
HG23 IML A 8 1.51 -2.77 12.76
HG12 IML A 8 3.90 -0.88 11.60
HG13 IML A 8 2.98 0.61 11.73
HD11 IML A 8 2.01 -0.20 13.96
HD12 IML A 8 3.13 -1.59 13.86
HD13 IML A 8 3.77 0.05 13.95
N SAR A 9 0.56 -2.13 7.77
CA SAR A 9 -0.66 -2.66 7.06
C SAR A 9 -0.56 -4.14 6.65
O SAR A 9 -0.73 -5.04 7.47
CN SAR A 9 1.82 -2.37 7.03
HA2 SAR A 9 -0.88 -2.06 6.18
HA3 SAR A 9 -1.55 -2.60 7.71
HN1 SAR A 9 2.43 -3.12 7.56
HN2 SAR A 9 2.41 -1.45 6.95
HN3 SAR A 9 1.65 -2.75 6.02
N VAL A 10 -0.29 -4.42 5.35
CA VAL A 10 0.19 -5.74 4.90
C VAL A 10 1.61 -5.67 4.29
N IML A 11 1.94 -5.08 3.06
CA IML A 11 1.00 -4.42 2.09
C IML A 11 0.55 -5.31 0.92
O IML A 11 1.29 -6.17 0.43
CB IML A 11 1.30 -2.90 1.77
CN IML A 11 3.34 -5.13 2.59
CG2 IML A 11 1.46 -2.09 3.08
CG1 IML A 11 2.50 -2.56 0.82
CD1 IML A 11 2.40 -3.14 -0.59
HA IML A 11 -0.01 -4.47 2.53
HB IML A 11 0.41 -2.49 1.27
HN1 IML A 11 3.80 -6.09 2.84
HN2 IML A 11 3.41 -5.03 1.50
HN3 IML A 11 3.94 -4.34 3.06
HG21 IML A 11 1.57 -1.02 2.88
HG22 IML A 11 0.59 -2.22 3.73
HG23 IML A 11 2.35 -2.41 3.64
HG12 IML A 11 2.53 -1.47 0.72
HG13 IML A 11 3.46 -2.82 1.28
HD11 IML A 11 2.61 -4.22 -0.61
HD12 IML A 11 1.41 -2.97 -1.04
HD13 IML A 11 3.14 -2.68 -1.25
N SAR A 12 -0.73 -5.16 0.40
CA SAR A 12 -1.81 -4.18 0.75
C SAR A 12 -2.40 -3.43 -0.47
O SAR A 12 -1.69 -2.82 -1.26
CN SAR A 12 -1.29 -6.32 -0.26
HA2 SAR A 12 -1.47 -3.38 1.43
HA3 SAR A 12 -2.62 -4.68 1.28
HN1 SAR A 12 -2.27 -6.12 -0.72
HN2 SAR A 12 -1.41 -7.01 0.60
HN3 SAR A 12 -0.61 -6.76 -0.99
N TRP A 1 -3.91 -3.94 -0.63
CA TRP A 1 -4.73 -3.46 -1.74
C TRP A 1 -5.57 -2.23 -1.35
N MVA A 2 -5.46 -1.00 -1.99
CN MVA A 2 -6.29 0.16 -1.56
CA MVA A 2 -4.50 -0.66 -3.09
CB MVA A 2 -5.18 -0.54 -4.49
CG1 MVA A 2 -4.10 -0.48 -5.59
CG2 MVA A 2 -6.16 -1.71 -4.78
C MVA A 2 -3.56 0.54 -2.81
O MVA A 2 -3.82 1.68 -3.14
HN1 MVA A 2 -5.88 0.59 -0.64
HN2 MVA A 2 -6.32 0.95 -2.32
HN3 MVA A 2 -7.32 -0.16 -1.37
HA MVA A 2 -3.77 -1.47 -3.22
HB MVA A 2 -5.76 0.40 -4.53
HG11 MVA A 2 -3.42 0.38 -5.45
HG12 MVA A 2 -3.48 -1.38 -5.56
HG13 MVA A 2 -4.55 -0.40 -6.59
HG21 MVA A 2 -6.99 -1.72 -4.07
HG22 MVA A 2 -6.59 -1.59 -5.79
HG23 MVA A 2 -5.65 -2.67 -4.77
N ILE A 3 -2.42 0.21 -2.17
CA ILE A 3 -1.28 1.07 -1.87
C ILE A 3 -1.80 2.36 -1.17
N MVA A 4 -2.29 2.32 0.14
CN MVA A 4 -2.45 0.99 0.82
CA MVA A 4 -3.10 3.49 0.68
CB MVA A 4 -3.94 3.24 1.99
CG1 MVA A 4 -3.15 3.18 3.32
CG2 MVA A 4 -5.11 4.25 2.11
C MVA A 4 -2.56 4.96 0.50
O MVA A 4 -3.16 5.76 -0.20
HN1 MVA A 4 -3.35 0.48 0.45
HN2 MVA A 4 -1.59 0.35 0.64
HN3 MVA A 4 -2.54 1.06 1.91
HA MVA A 4 -3.88 3.54 -0.08
HB MVA A 4 -4.44 2.28 1.86
HG11 MVA A 4 -2.26 2.54 3.25
HG12 MVA A 4 -2.83 4.18 3.64
HG13 MVA A 4 -3.78 2.75 4.11
HG21 MVA A 4 -4.73 5.28 2.24
HG22 MVA A 4 -5.72 4.24 1.20
HG23 MVA A 4 -5.75 4.00 2.96
N MVA A 5 -1.39 5.44 1.10
CN MVA A 5 -0.64 4.59 2.03
CA MVA A 5 -0.85 6.84 0.96
CB MVA A 5 -1.37 7.77 2.12
CG1 MVA A 5 -1.24 9.27 1.76
CG2 MVA A 5 -2.83 7.51 2.57
C MVA A 5 0.72 6.91 0.81
O MVA A 5 1.40 7.65 1.53
HN1 MVA A 5 -0.93 3.55 1.86
HN2 MVA A 5 0.44 4.68 1.87
HN3 MVA A 5 -0.88 4.87 3.06
HA MVA A 5 -1.21 7.26 0.02
HB MVA A 5 -0.74 7.57 3.00
HG11 MVA A 5 -0.21 9.55 1.49
HG12 MVA A 5 -1.88 9.52 0.91
HG13 MVA A 5 -1.53 9.91 2.60
HG21 MVA A 5 -2.94 6.50 2.99
HG22 MVA A 5 -3.14 8.21 3.35
HG23 MVA A 5 -3.52 7.62 1.72
N SAR A 6 1.43 6.16 -0.13
CA SAR A 6 2.93 5.99 -0.13
C SAR A 6 3.48 4.72 0.55
O SAR A 6 3.78 3.74 -0.11
CN SAR A 6 0.78 5.22 -1.06
HA2 SAR A 6 3.48 6.80 0.37
HA3 SAR A 6 3.30 5.96 -1.16
HN1 SAR A 6 1.40 5.02 -1.93
HN2 SAR A 6 -0.18 5.62 -1.43
HN3 SAR A 6 0.56 4.27 -0.56
N MVA A 7 3.67 4.66 1.94
CN MVA A 7 3.21 5.70 2.86
CA MVA A 7 4.37 3.52 2.63
CB MVA A 7 5.89 3.87 2.79
CG1 MVA A 7 6.50 4.21 1.42
CG2 MVA A 7 6.25 5.01 3.78
C MVA A 7 3.65 2.97 3.92
O MVA A 7 4.19 2.99 5.02
HN1 MVA A 7 3.55 6.70 2.55
HN2 MVA A 7 2.11 5.68 2.90
HN3 MVA A 7 3.56 5.55 3.89
HA MVA A 7 4.37 2.66 1.95
HB MVA A 7 6.39 2.96 3.17
HG11 MVA A 7 6.06 5.13 1.01
HG12 MVA A 7 7.59 4.36 1.49
HG13 MVA A 7 6.30 3.40 0.71
HG21 MVA A 7 5.87 5.98 3.43
HG22 MVA A 7 5.84 4.85 4.79
HG23 MVA A 7 7.33 5.10 3.90
N IML A 8 2.37 2.44 3.86
CA IML A 8 1.59 1.93 5.05
C IML A 8 1.22 0.43 4.96
O IML A 8 0.43 0.00 4.12
CB IML A 8 0.35 2.82 5.42
CN IML A 8 1.66 2.27 2.59
CG2 IML A 8 -0.34 2.29 6.71
CG1 IML A 8 0.76 4.32 5.58
CD1 IML A 8 -0.37 5.28 5.96
HA IML A 8 2.26 2.02 5.91
HB IML A 8 -0.38 2.75 4.60
HN1 IML A 8 2.10 1.42 2.04
HN2 IML A 8 0.59 2.05 2.76
HN3 IML A 8 1.74 3.17 1.99
HG21 IML A 8 -0.66 1.25 6.59
HG22 IML A 8 0.35 2.35 7.56
HG23 IML A 8 -1.23 2.88 6.96
HG12 IML A 8 1.57 4.39 6.32
HG13 IML A 8 1.19 4.67 4.63
HD11 IML A 8 -1.24 5.16 5.29
HD12 IML A 8 -0.72 5.11 6.99
HD13 IML A 8 -0.03 6.32 5.89
N SAR A 9 1.75 -0.52 5.82
CA SAR A 9 1.55 -1.99 5.60
C SAR A 9 2.54 -2.57 4.58
O SAR A 9 3.21 -3.55 4.85
CN SAR A 9 2.79 -0.23 6.84
HA2 SAR A 9 0.53 -2.19 5.24
HA3 SAR A 9 1.66 -2.55 6.53
HN1 SAR A 9 2.47 0.60 7.49
HN2 SAR A 9 3.73 0.05 6.35
HN3 SAR A 9 2.98 -1.08 7.50
N VAL A 10 2.59 -1.95 3.39
CA VAL A 10 3.50 -2.23 2.26
C VAL A 10 3.52 -3.71 1.81
N IML A 11 2.73 -4.19 0.76
CA IML A 11 1.79 -3.39 -0.11
C IML A 11 0.31 -3.89 -0.14
O IML A 11 -0.15 -4.46 -1.11
CB IML A 11 2.35 -3.03 -1.52
CN IML A 11 2.75 -5.64 0.45
CG2 IML A 11 3.48 -1.98 -1.43
CG1 IML A 11 2.81 -4.26 -2.39
CD1 IML A 11 3.11 -3.91 -3.86
HA IML A 11 1.65 -2.41 0.37
HB IML A 11 1.53 -2.56 -2.07
HN1 IML A 11 2.50 -6.21 1.35
HN2 IML A 11 2.03 -5.92 -0.34
HN3 IML A 11 3.76 -5.94 0.13
HG21 IML A 11 4.39 -2.41 -1.00
HG22 IML A 11 3.73 -1.58 -2.43
HG23 IML A 11 3.17 -1.11 -0.82
HG12 IML A 11 3.72 -4.70 -1.94
HG13 IML A 11 2.04 -5.04 -2.37
HD11 IML A 11 3.98 -3.25 -3.95
HD12 IML A 11 3.32 -4.82 -4.43
HD13 IML A 11 2.24 -3.43 -4.32
N SAR A 12 -0.53 -3.72 0.95
CA SAR A 12 -1.99 -4.05 0.89
C SAR A 12 -2.77 -3.34 -0.23
O SAR A 12 -2.40 -2.29 -0.74
CN SAR A 12 -0.10 -3.09 2.22
HA2 SAR A 12 -2.51 -3.82 1.83
HA3 SAR A 12 -2.09 -5.14 0.71
HN1 SAR A 12 0.11 -2.02 2.07
HN2 SAR A 12 0.81 -3.57 2.59
HN3 SAR A 12 -0.85 -3.18 3.01
N TRP A 1 -3.97 -3.67 -0.39
CA TRP A 1 -4.81 -3.48 -1.58
C TRP A 1 -5.72 -2.24 -1.43
N MVA A 2 -5.52 -1.04 -2.12
CN MVA A 2 -6.44 0.10 -1.90
CA MVA A 2 -4.37 -0.73 -3.04
CB MVA A 2 -4.82 -0.61 -4.54
CG1 MVA A 2 -3.60 -0.47 -5.48
CG2 MVA A 2 -5.68 -1.83 -4.98
C MVA A 2 -3.49 0.46 -2.59
O MVA A 2 -3.76 1.63 -2.83
HN1 MVA A 2 -6.28 0.52 -0.90
HN2 MVA A 2 -6.28 0.90 -2.64
HN3 MVA A 2 -7.48 -0.23 -1.98
HA MVA A 2 -3.66 -1.57 -3.05
HB MVA A 2 -5.44 0.29 -4.65
HG11 MVA A 2 -3.91 -0.41 -6.53
HG12 MVA A 2 -3.02 0.43 -5.24
HG13 MVA A 2 -2.94 -1.34 -5.38
HG21 MVA A 2 -5.95 -1.74 -6.04
HG22 MVA A 2 -5.13 -2.78 -4.85
HG23 MVA A 2 -6.61 -1.89 -4.41
N ILE A 3 -2.39 0.13 -1.91
CA ILE A 3 -1.38 1.04 -1.36
C ILE A 3 -0.04 0.59 -1.98
N MVA A 4 0.42 1.15 -3.15
CN MVA A 4 -0.17 2.33 -3.81
CA MVA A 4 1.60 0.65 -3.94
CB MVA A 4 1.03 -0.21 -5.12
CG1 MVA A 4 2.02 -0.39 -6.28
CG2 MVA A 4 0.55 -1.61 -4.63
C MVA A 4 2.65 1.76 -4.33
O MVA A 4 2.47 2.48 -5.30
HN1 MVA A 4 0.06 2.33 -4.89
HN2 MVA A 4 -1.26 2.37 -3.70
HN3 MVA A 4 0.27 3.23 -3.36
HA MVA A 4 2.15 -0.07 -3.33
HB MVA A 4 0.15 0.28 -5.55
HG11 MVA A 4 1.65 -1.13 -7.00
HG12 MVA A 4 2.11 0.56 -6.81
HG13 MVA A 4 3.00 -0.71 -5.92
HG21 MVA A 4 1.39 -2.18 -4.20
HG22 MVA A 4 -0.20 -1.52 -3.84
HG23 MVA A 4 0.12 -2.20 -5.44
N MVA A 5 3.79 1.96 -3.58
CN MVA A 5 4.03 1.22 -2.34
CA MVA A 5 4.91 2.93 -3.86
CB MVA A 5 5.80 2.50 -5.07
CG1 MVA A 5 5.19 2.72 -6.48
CG2 MVA A 5 7.20 3.17 -5.00
C MVA A 5 4.55 4.44 -3.67
O MVA A 5 3.71 5.02 -4.34
HN1 MVA A 5 4.61 1.81 -1.63
HN2 MVA A 5 3.07 0.99 -1.86
HN3 MVA A 5 4.59 0.31 -2.62
HA MVA A 5 5.64 2.78 -3.05
HB MVA A 5 5.94 1.43 -4.91
HG11 MVA A 5 5.97 2.59 -7.26
HG12 MVA A 5 4.41 1.99 -6.70
HG13 MVA A 5 4.78 3.73 -6.59
HG21 MVA A 5 7.84 2.82 -5.81
HG22 MVA A 5 7.12 4.27 -5.06
HG23 MVA A 5 7.70 2.92 -4.06
N SAR A 6 5.19 5.21 -2.68
CA SAR A 6 4.51 6.42 -2.14
C SAR A 6 3.47 6.10 -1.04
O SAR A 6 2.95 5.00 -0.98
CN SAR A 6 6.21 4.71 -1.72
HA2 SAR A 6 3.93 7.00 -2.87
HA3 SAR A 6 5.27 7.10 -1.72
HN1 SAR A 6 6.99 4.16 -2.24
HN2 SAR A 6 5.76 4.06 -0.97
HN3 SAR A 6 6.69 5.54 -1.21
N MVA A 7 3.12 7.04 -0.10
CN MVA A 7 3.77 8.37 0.04
CA MVA A 7 1.92 6.86 0.81
CB MVA A 7 0.59 7.05 0.01
CG1 MVA A 7 0.67 8.34 -0.85
CG2 MVA A 7 0.14 5.88 -0.89
C MVA A 7 1.94 5.63 1.79
O MVA A 7 0.91 5.04 2.07
HN1 MVA A 7 3.53 8.82 1.01
HN2 MVA A 7 4.86 8.28 0.00
HN3 MVA A 7 3.44 9.04 -0.77
HA MVA A 7 1.92 7.70 1.52
HB MVA A 7 -0.19 7.21 0.76
HG11 MVA A 7 1.40 8.22 -1.66
HG12 MVA A 7 -0.30 8.60 -1.27
HG13 MVA A 7 1.01 9.17 -0.22
HG21 MVA A 7 0.25 4.91 -0.39
HG22 MVA A 7 -0.94 5.98 -1.13
HG23 MVA A 7 0.68 5.85 -1.84
N IML A 8 3.12 5.17 2.40
CA IML A 8 3.18 4.01 3.37
C IML A 8 2.49 2.68 2.93
O IML A 8 1.43 2.32 3.42
CB IML A 8 2.82 4.43 4.83
CN IML A 8 4.46 5.76 2.22
CG2 IML A 8 3.57 3.44 5.76
CG1 IML A 8 3.18 5.91 5.20
CD1 IML A 8 2.75 6.33 6.63
HA IML A 8 4.23 3.71 3.43
HB IML A 8 1.74 4.31 4.98
HN1 IML A 8 4.39 6.85 2.28
HN2 IML A 8 5.15 5.42 2.99
HN3 IML A 8 4.88 5.47 1.24
HG21 IML A 8 3.33 2.42 5.48
HG22 IML A 8 4.65 3.53 5.63
HG23 IML A 8 3.30 3.58 6.82
HG12 IML A 8 4.25 6.07 5.08
HG13 IML A 8 2.68 6.60 4.49
HD11 IML A 8 1.68 6.14 6.78
HD12 IML A 8 3.32 5.78 7.39
HD13 IML A 8 2.91 7.41 6.77
N SAR A 9 3.08 1.86 1.98
CA SAR A 9 2.43 0.63 1.43
C SAR A 9 3.24 -0.70 1.50
O SAR A 9 3.90 -0.96 2.50
CN SAR A 9 4.35 2.21 1.31
HA2 SAR A 9 2.16 0.82 0.39
HA3 SAR A 9 1.49 0.42 1.97
HN1 SAR A 9 4.23 3.11 0.70
HN2 SAR A 9 4.71 1.38 0.69
HN3 SAR A 9 5.12 2.40 2.07
N VAL A 10 3.19 -1.52 0.44
CA VAL A 10 3.92 -2.80 0.29
C VAL A 10 3.54 -3.88 1.32
N IML A 11 2.54 -4.81 1.09
CA IML A 11 1.64 -4.88 -0.13
C IML A 11 0.10 -4.85 0.18
O IML A 11 -0.66 -5.75 -0.15
CB IML A 11 2.03 -6.01 -1.15
CN IML A 11 2.18 -5.78 2.17
CG2 IML A 11 3.40 -5.71 -1.82
CG1 IML A 11 1.99 -7.45 -0.57
CD1 IML A 11 2.09 -8.56 -1.65
HA IML A 11 1.76 -3.95 -0.68
HB IML A 11 1.28 -5.96 -1.95
HN1 IML A 11 1.86 -5.22 3.06
HN2 IML A 11 1.36 -6.45 1.89
HN3 IML A 11 3.06 -6.38 2.43
HG21 IML A 11 3.61 -6.42 -2.64
HG22 IML A 11 3.43 -4.71 -2.26
HG23 IML A 11 4.23 -5.83 -1.10
HG12 IML A 11 2.81 -7.59 0.16
HG13 IML A 11 1.06 -7.62 -0.01
HD11 IML A 11 1.30 -8.44 -2.40
HD12 IML A 11 3.06 -8.56 -2.15
HD13 IML A 11 1.94 -9.55 -1.19
N SAR A 12 -0.46 -3.77 0.86
CA SAR A 12 -1.94 -3.65 1.00
C SAR A 12 -2.69 -3.30 -0.30
O SAR A 12 -2.16 -2.70 -1.22
CN SAR A 12 0.29 -2.56 1.25
HA2 SAR A 12 -2.23 -2.90 1.75
HA3 SAR A 12 -2.38 -4.60 1.35
HN1 SAR A 12 0.62 -2.03 0.36
HN2 SAR A 12 1.18 -2.80 1.84
HN3 SAR A 12 -0.32 -1.86 1.84
N TRP A 1 -3.91 -3.74 -0.43
CA TRP A 1 -4.77 -3.50 -1.59
C TRP A 1 -5.66 -2.25 -1.37
N MVA A 2 -5.46 -1.05 -2.04
CN MVA A 2 -6.34 0.12 -1.80
CA MVA A 2 -4.36 -0.76 -3.03
CB MVA A 2 -4.84 -0.80 -4.52
CG1 MVA A 2 -3.64 -0.68 -5.48
CG2 MVA A 2 -5.65 -2.08 -4.84
C MVA A 2 -3.52 0.52 -2.73
O MVA A 2 -3.86 1.64 -3.09
HN1 MVA A 2 -6.00 0.67 -0.91
HN2 MVA A 2 -6.36 0.82 -2.65
HN3 MVA A 2 -7.38 -0.20 -1.63
HA MVA A 2 -3.60 -1.55 -2.97
HB MVA A 2 -5.51 0.06 -4.68
HG11 MVA A 2 -2.90 -1.47 -5.29
HG12 MVA A 2 -3.97 -0.76 -6.52
HG13 MVA A 2 -3.14 0.28 -5.36
HG21 MVA A 2 -5.04 -2.99 -4.71
HG22 MVA A 2 -6.54 -2.16 -4.21
HG23 MVA A 2 -6.00 -2.06 -5.89
N ILE A 3 -2.40 0.32 -2.04
CA ILE A 3 -1.34 1.30 -1.75
C ILE A 3 -0.37 1.37 -2.95
N MVA A 4 -0.32 2.41 -3.87
CN MVA A 4 -1.36 3.45 -3.93
CA MVA A 4 0.53 2.32 -5.11
CB MVA A 4 -0.22 1.39 -6.12
CG1 MVA A 4 -1.26 2.08 -7.02
CG2 MVA A 4 0.77 0.55 -6.98
C MVA A 4 1.07 3.67 -5.71
O MVA A 4 0.78 4.04 -6.83
HN1 MVA A 4 -1.05 4.32 -4.51
HN2 MVA A 4 -2.25 3.03 -4.41
HN3 MVA A 4 -1.63 3.83 -2.92
HA MVA A 4 1.45 1.81 -4.83
HB MVA A 4 -0.79 0.69 -5.51
HG11 MVA A 4 -0.80 2.46 -7.95
HG12 MVA A 4 -2.04 1.37 -7.31
HG13 MVA A 4 -1.72 2.94 -6.51
HG21 MVA A 4 0.22 -0.16 -7.61
HG22 MVA A 4 1.39 1.20 -7.62
HG23 MVA A 4 1.43 -0.04 -6.34
N MVA A 5 1.94 4.51 -4.99
CN MVA A 5 2.33 4.24 -3.60
CA MVA A 5 2.20 5.92 -5.44
CB MVA A 5 1.11 6.86 -4.81
CG1 MVA A 5 1.44 7.46 -3.42
CG2 MVA A 5 0.71 7.99 -5.80
C MVA A 5 3.68 6.43 -5.49
O MVA A 5 4.11 7.29 -4.73
HN1 MVA A 5 1.50 4.52 -2.94
HN2 MVA A 5 2.55 3.17 -3.44
HN3 MVA A 5 3.22 4.82 -3.32
HA MVA A 5 1.97 5.96 -6.51
HB MVA A 5 0.22 6.23 -4.68
HG11 MVA A 5 1.84 6.72 -2.73
HG12 MVA A 5 2.17 8.28 -3.50
HG13 MVA A 5 0.54 7.88 -2.97
HG21 MVA A 5 -0.09 8.61 -5.38
HG22 MVA A 5 1.56 8.65 -6.02
HG23 MVA A 5 0.34 7.58 -6.75
N SAR A 6 4.58 5.91 -6.42
CA SAR A 6 5.96 6.46 -6.68
C SAR A 6 7.00 6.53 -5.57
O SAR A 6 7.10 7.53 -4.88
CN SAR A 6 4.20 4.84 -7.38
HA2 SAR A 6 5.97 7.51 -7.00
HA3 SAR A 6 6.43 5.91 -7.50
HN1 SAR A 6 5.08 4.42 -7.89
HN2 SAR A 6 3.50 5.23 -8.14
HN3 SAR A 6 3.72 4.00 -6.86
N MVA A 7 7.85 5.46 -5.33
CN MVA A 7 8.94 5.70 -4.39
CA MVA A 7 7.84 4.11 -6.01
CB MVA A 7 8.91 4.00 -7.15
CG1 MVA A 7 8.62 4.99 -8.32
CG2 MVA A 7 10.39 4.12 -6.71
C MVA A 7 7.77 2.85 -5.09
O MVA A 7 8.45 1.85 -5.33
HN1 MVA A 7 9.57 4.82 -4.24
HN2 MVA A 7 9.51 6.54 -4.82
HN3 MVA A 7 8.52 6.04 -3.42
HA MVA A 7 6.88 4.02 -6.55
HB MVA A 7 8.81 3.00 -7.59
HG11 MVA A 7 7.65 4.76 -8.76
HG12 MVA A 7 8.59 6.02 -7.95
HG13 MVA A 7 9.38 4.92 -9.09
HG21 MVA A 7 10.65 5.14 -6.40
HG22 MVA A 7 10.61 3.44 -5.88
HG23 MVA A 7 11.07 3.86 -7.53
N IML A 8 6.96 2.79 -3.95
CA IML A 8 6.90 1.60 -3.02
C IML A 8 5.45 1.14 -2.67
O IML A 8 4.90 1.47 -1.63
CB IML A 8 7.82 1.75 -1.77
CN IML A 8 6.15 3.90 -3.46
CG2 IML A 8 7.87 0.39 -1.02
CG1 IML A 8 9.24 2.27 -2.12
CD1 IML A 8 10.17 2.45 -0.89
HA IML A 8 7.30 0.74 -3.59
HB IML A 8 7.34 2.48 -1.09
HN1 IML A 8 6.80 4.67 -3.02
HN2 IML A 8 5.55 4.34 -4.27
HN3 IML A 8 5.46 3.60 -2.67
HG21 IML A 8 6.86 0.08 -0.72
HG22 IML A 8 8.29 -0.38 -1.67
HG23 IML A 8 8.47 0.45 -0.10
HG12 IML A 8 9.71 1.59 -2.84
HG13 IML A 8 9.16 3.26 -2.60
HD11 IML A 8 9.71 3.07 -0.12
HD12 IML A 8 10.45 1.48 -0.45
HD13 IML A 8 11.11 2.94 -1.20
N SAR A 9 4.70 0.36 -3.54
CA SAR A 9 3.31 -0.11 -3.24
C SAR A 9 3.14 -1.60 -2.88
O SAR A 9 4.09 -2.38 -2.78
CN SAR A 9 5.20 -0.20 -4.81
HA2 SAR A 9 2.69 0.09 -4.12
HA3 SAR A 9 2.88 0.47 -2.41
HN1 SAR A 9 4.40 -0.76 -5.31
HN2 SAR A 9 6.04 -0.87 -4.62
HN3 SAR A 9 5.51 0.62 -5.48
N VAL A 10 1.87 -1.96 -2.70
CA VAL A 10 1.25 -3.26 -2.29
C VAL A 10 2.24 -4.32 -1.75
N IML A 11 2.51 -4.60 -0.40
CA IML A 11 2.00 -3.94 0.88
C IML A 11 0.57 -3.33 0.90
O IML A 11 0.37 -2.13 0.99
CB IML A 11 3.04 -3.01 1.61
CN IML A 11 3.60 -5.55 -0.08
CG2 IML A 11 3.94 -3.77 2.63
CG1 IML A 11 3.90 -2.17 0.63
CD1 IML A 11 4.40 -0.84 1.24
HA IML A 11 1.86 -4.77 1.58
HB IML A 11 2.47 -2.31 2.22
HN1 IML A 11 4.55 -5.02 -0.16
HN2 IML A 11 3.51 -5.97 0.93
HN3 IML A 11 3.62 -6.39 -0.78
HG21 IML A 11 4.66 -4.42 2.13
HG22 IML A 11 4.51 -3.07 3.25
HG23 IML A 11 3.34 -4.39 3.31
HG12 IML A 11 4.75 -2.74 0.26
HG13 IML A 11 3.28 -1.95 -0.25
HD11 IML A 11 4.94 -0.26 0.49
HD12 IML A 11 3.56 -0.23 1.59
HD13 IML A 11 5.08 -1.02 2.08
N SAR A 12 -0.56 -4.14 0.84
CA SAR A 12 -1.95 -3.60 1.03
C SAR A 12 -2.70 -3.20 -0.26
O SAR A 12 -2.23 -2.43 -1.09
CN SAR A 12 -0.51 -5.61 0.63
HA2 SAR A 12 -1.93 -2.72 1.67
HA3 SAR A 12 -2.57 -4.34 1.55
HN1 SAR A 12 0.14 -5.83 -0.21
HN2 SAR A 12 -1.50 -6.02 0.41
HN3 SAR A 12 -0.12 -6.11 1.53
N TRP A 1 -3.95 -3.72 -0.44
CA TRP A 1 -4.80 -3.48 -1.62
C TRP A 1 -5.69 -2.24 -1.41
N MVA A 2 -5.51 -1.03 -2.09
CN MVA A 2 -6.41 0.13 -1.83
CA MVA A 2 -4.40 -0.72 -3.06
CB MVA A 2 -4.89 -0.64 -4.54
CG1 MVA A 2 -3.68 -0.54 -5.51
CG2 MVA A 2 -5.77 -1.87 -4.94
C MVA A 2 -3.54 0.52 -2.65
O MVA A 2 -3.81 1.67 -2.96
HN1 MVA A 2 -7.45 -0.21 -1.76
HN2 MVA A 2 -6.14 0.62 -0.88
HN3 MVA A 2 -6.36 0.88 -2.62
HA MVA A 2 -3.67 -1.54 -3.05
HB MVA A 2 -5.51 0.26 -4.68
HG11 MVA A 2 -4.02 -0.43 -6.55
HG12 MVA A 2 -3.04 0.31 -5.27
HG13 MVA A 2 -3.07 -1.44 -5.45
HG21 MVA A 2 -6.69 -1.90 -4.35
HG22 MVA A 2 -6.06 -1.81 -5.99
HG23 MVA A 2 -5.22 -2.80 -4.78
N ILE A 3 -2.45 0.21 -1.93
CA ILE A 3 -1.47 1.16 -1.41
C ILE A 3 -0.12 0.90 -2.11
N MVA A 4 0.37 1.72 -3.12
CN MVA A 4 -0.41 2.85 -3.67
CA MVA A 4 1.61 1.39 -3.91
CB MVA A 4 1.17 0.55 -5.16
CG1 MVA A 4 0.78 1.35 -6.42
CG2 MVA A 4 2.22 -0.53 -5.52
C MVA A 4 2.60 2.57 -4.19
O MVA A 4 3.02 2.84 -5.31
HN1 MVA A 4 0.20 3.51 -4.31
HN2 MVA A 4 -1.25 2.46 -4.26
HN3 MVA A 4 -0.81 3.49 -2.87
HA MVA A 4 2.22 0.74 -3.28
HB MVA A 4 0.26 0.02 -4.86
HG11 MVA A 4 0.25 2.27 -6.16
HG12 MVA A 4 1.66 1.62 -7.02
HG13 MVA A 4 0.12 0.75 -7.06
HG21 MVA A 4 1.87 -1.17 -6.33
HG22 MVA A 4 3.17 -0.08 -5.82
HG23 MVA A 4 2.41 -1.19 -4.65
N MVA A 5 3.07 3.39 -3.16
CN MVA A 5 2.64 3.23 -1.76
CA MVA A 5 3.82 4.67 -3.42
CB MVA A 5 2.80 5.85 -3.48
CG1 MVA A 5 2.47 6.57 -2.15
CG2 MVA A 5 3.21 6.90 -4.55
C MVA A 5 5.13 4.86 -2.59
O MVA A 5 5.22 5.63 -1.64
HN1 MVA A 5 2.56 2.18 -1.48
HN2 MVA A 5 3.33 3.71 -1.06
HN3 MVA A 5 1.65 3.72 -1.64
HA MVA A 5 4.22 4.63 -4.44
HB MVA A 5 1.86 5.39 -3.82
HG11 MVA A 5 2.26 5.86 -1.33
HG12 MVA A 5 3.28 7.23 -1.83
HG13 MVA A 5 1.58 7.20 -2.27
HG21 MVA A 5 2.46 7.69 -4.63
HG22 MVA A 5 4.17 7.37 -4.28
HG23 MVA A 5 3.32 6.43 -5.54
N SAR A 6 6.27 4.14 -2.90
CA SAR A 6 7.43 4.03 -1.95
C SAR A 6 7.22 3.02 -0.80
O SAR A 6 6.13 2.54 -0.55
CN SAR A 6 6.31 3.05 -3.93
HA2 SAR A 6 7.62 4.97 -1.41
HA3 SAR A 6 8.35 3.76 -2.48
HN1 SAR A 6 7.34 2.75 -4.16
HN2 SAR A 6 5.85 3.39 -4.87
HN3 SAR A 6 5.77 2.17 -3.57
N MVA A 7 8.30 2.64 -0.02
CN MVA A 7 9.70 3.05 -0.28
CA MVA A 7 8.14 1.87 1.26
CB MVA A 7 7.59 2.78 2.41
CG1 MVA A 7 8.40 4.09 2.47
CG2 MVA A 7 6.07 3.12 2.37
C MVA A 7 7.47 0.45 1.14
O MVA A 7 6.73 0.04 2.02
HN1 MVA A 7 10.41 2.37 0.21
HN2 MVA A 7 9.93 3.01 -1.36
HN3 MVA A 7 9.90 4.07 0.07
HA MVA A 7 9.14 1.61 1.62
HB MVA A 7 7.75 2.23 3.34
HG11 MVA A 7 8.14 4.66 3.36
HG12 MVA A 7 9.47 3.84 2.51
HG13 MVA A 7 8.22 4.70 1.58
HG21 MVA A 7 5.44 2.24 2.20
HG22 MVA A 7 5.77 3.57 3.32
HG23 MVA A 7 5.85 3.85 1.59
N IML A 8 7.68 -0.39 0.05
CA IML A 8 7.07 -1.75 -0.09
C IML A 8 5.51 -1.83 0.04
O IML A 8 4.96 -2.18 1.07
CB IML A 8 7.80 -2.84 0.76
CN IML A 8 8.58 -0.11 -1.09
CG2 IML A 8 7.52 -4.20 0.09
CG1 IML A 8 9.35 -2.59 0.90
CD1 IML A 8 10.06 -3.62 1.78
HA IML A 8 7.22 -2.08 -1.13
HB IML A 8 7.37 -2.83 1.76
HN1 IML A 8 8.84 -1.03 -1.62
HN2 IML A 8 8.09 0.56 -1.81
HN3 IML A 8 9.52 0.33 -0.73
HG21 IML A 8 6.45 -4.30 -0.11
HG22 IML A 8 8.01 -4.26 -0.89
HG23 IML A 8 7.84 -5.05 0.70
HG12 IML A 8 9.81 -2.58 -0.09
HG13 IML A 8 9.53 -1.60 1.33
HD11 IML A 8 9.59 -3.69 2.78
HD12 IML A 8 10.05 -4.63 1.33
HD13 IML A 8 11.11 -3.34 1.93
N SAR A 9 4.70 -1.49 -1.04
CA SAR A 9 3.22 -1.66 -1.03
C SAR A 9 2.69 -2.96 -1.69
O SAR A 9 3.44 -3.88 -1.94
CN SAR A 9 5.21 -1.10 -2.37
HA2 SAR A 9 2.76 -0.81 -1.54
HA3 SAR A 9 2.83 -1.66 0.00
HN1 SAR A 9 4.38 -0.85 -3.05
HN2 SAR A 9 5.76 -1.93 -2.82
HN3 SAR A 9 5.87 -0.23 -2.28
N VAL A 10 1.38 -2.99 -1.99
CA VAL A 10 0.52 -4.09 -2.53
C VAL A 10 1.13 -5.50 -2.39
N IML A 11 0.81 -6.37 -1.34
CA IML A 11 -0.09 -6.02 -0.17
C IML A 11 0.43 -4.80 0.60
O IML A 11 1.63 -4.67 0.85
CB IML A 11 -0.53 -7.24 0.73
CN IML A 11 1.73 -7.50 -1.10
CG2 IML A 11 -1.19 -6.89 2.11
CG1 IML A 11 -1.45 -8.20 -0.07
CD1 IML A 11 -1.68 -9.57 0.62
HA IML A 11 -0.98 -5.51 -0.57
HB IML A 11 0.36 -7.78 1.03
HN1 IML A 11 2.47 -7.19 -0.35
HN2 IML A 11 1.22 -8.41 -0.76
HN3 IML A 11 2.28 -7.78 -2.02
HG21 IML A 11 -2.25 -6.66 2.00
HG22 IML A 11 -1.12 -7.75 2.79
HG23 IML A 11 -0.68 -6.06 2.63
HG12 IML A 11 -2.43 -7.73 -0.24
HG13 IML A 11 -1.02 -8.38 -1.06
HD11 IML A 11 -0.72 -10.04 0.85
HD12 IML A 11 -2.25 -9.46 1.55
HD13 IML A 11 -2.23 -10.24 -0.05
N SAR A 12 -0.46 -3.81 1.03
CA SAR A 12 -1.96 -3.77 0.97
C SAR A 12 -2.68 -3.30 -0.32
O SAR A 12 -2.16 -2.59 -1.16
CN SAR A 12 0.10 -2.47 0.98
HA2 SAR A 12 -2.35 -3.14 1.77
HA3 SAR A 12 -2.37 -4.77 1.17
HN1 SAR A 12 0.09 -2.28 -0.10
HN2 SAR A 12 1.13 -2.43 1.35
HN3 SAR A 12 -0.53 -1.75 1.52
N TRP A 1 -3.70 -3.38 -0.59
CA TRP A 1 -4.42 -2.93 -1.78
C TRP A 1 -5.56 -1.96 -1.40
N MVA A 2 -5.89 -0.85 -2.18
CN MVA A 2 -6.91 0.12 -1.70
CA MVA A 2 -5.25 -0.47 -3.48
CB MVA A 2 -6.28 -0.26 -4.63
CG1 MVA A 2 -5.57 -0.01 -5.98
CG2 MVA A 2 -7.25 -1.46 -4.79
C MVA A 2 -4.26 0.72 -3.34
O MVA A 2 -4.60 1.89 -3.40
HN1 MVA A 2 -7.91 -0.30 -1.81
HN2 MVA A 2 -6.74 0.35 -0.64
HN3 MVA A 2 -6.86 1.06 -2.25
HA MVA A 2 -4.64 -1.31 -3.84
HB MVA A 2 -6.90 0.63 -4.42
HG11 MVA A 2 -4.98 0.92 -5.95
HG12 MVA A 2 -4.89 -0.84 -6.22
HG13 MVA A 2 -6.29 0.10 -6.80
HG21 MVA A 2 -6.70 -2.38 -5.03
HG22 MVA A 2 -7.83 -1.64 -3.88
HG23 MVA A 2 -7.96 -1.30 -5.61
N ILE A 3 -2.98 0.36 -3.13
CA ILE A 3 -1.85 1.26 -2.90
C ILE A 3 -2.14 2.16 -1.66
N MVA A 4 -2.23 1.61 -0.38
CN MVA A 4 -2.14 0.15 -0.16
CA MVA A 4 -2.61 2.48 0.80
CB MVA A 4 -3.40 1.79 1.98
CG1 MVA A 4 -2.54 1.19 3.11
CG2 MVA A 4 -4.42 2.79 2.59
C MVA A 4 -1.64 3.63 1.24
O MVA A 4 -2.07 4.77 1.38
HN1 MVA A 4 -1.44 -0.32 -0.85
HN2 MVA A 4 -1.76 -0.10 0.84
HN3 MVA A 4 -3.13 -0.32 -0.28
HA MVA A 4 -3.39 3.10 0.34
HB MVA A 4 -4.00 0.97 1.56
HG11 MVA A 4 -3.17 0.88 3.95
HG12 MVA A 4 -1.97 0.30 2.80
HG13 MVA A 4 -1.82 1.92 3.51
HG21 MVA A 4 -5.09 3.19 1.82
HG22 MVA A 4 -5.04 2.29 3.35
HG23 MVA A 4 -3.90 3.63 3.08
N MVA A 5 -0.28 3.44 1.48
CN MVA A 5 0.31 2.11 1.27
CA MVA A 5 0.69 4.54 1.79
CB MVA A 5 0.99 4.68 3.32
CG1 MVA A 5 1.84 5.93 3.65
CG2 MVA A 5 -0.31 4.75 4.17
C MVA A 5 2.00 4.43 0.92
O MVA A 5 3.07 4.07 1.41
HN1 MVA A 5 -0.42 1.35 1.57
HN2 MVA A 5 0.51 1.96 0.20
HN3 MVA A 5 1.23 1.96 1.85
HA MVA A 5 0.25 5.49 1.48
HB MVA A 5 1.54 3.80 3.65
HG11 MVA A 5 1.34 6.84 3.31
HG12 MVA A 5 2.01 6.02 4.73
HG13 MVA A 5 2.83 5.88 3.18
HG21 MVA A 5 -0.93 5.60 3.85
HG22 MVA A 5 -0.90 3.83 4.08
HG23 MVA A 5 -0.09 4.88 5.23
N SAR A 6 2.00 4.71 -0.44
CA SAR A 6 3.14 4.34 -1.35
C SAR A 6 3.43 2.84 -1.45
O SAR A 6 2.60 2.09 -1.95
CN SAR A 6 0.76 5.03 -1.17
HA2 SAR A 6 4.10 4.82 -1.13
HA3 SAR A 6 2.92 4.65 -2.38
HN1 SAR A 6 0.96 5.46 -2.16
HN2 SAR A 6 0.15 5.77 -0.62
HN3 SAR A 6 0.16 4.12 -1.31
N MVA A 7 4.61 2.27 -0.95
CN MVA A 7 5.68 3.09 -0.32
CA MVA A 7 5.00 0.87 -1.36
CB MVA A 7 6.24 0.85 -2.32
CG1 MVA A 7 6.05 1.92 -3.43
CG2 MVA A 7 7.63 0.94 -1.65
C MVA A 7 4.82 -0.35 -0.38
O MVA A 7 4.50 -1.41 -0.88
HN1 MVA A 7 6.13 3.80 -1.03
HN2 MVA A 7 5.27 3.68 0.52
HN3 MVA A 7 6.48 2.47 0.09
HA MVA A 7 4.24 0.56 -2.08
HB MVA A 7 6.21 -0.13 -2.82
HG11 MVA A 7 5.91 2.94 -3.01
HG12 MVA A 7 6.89 1.94 -4.12
HG13 MVA A 7 5.12 1.70 -3.97
HG21 MVA A 7 8.39 0.56 -2.35
HG22 MVA A 7 7.91 1.97 -1.40
HG23 MVA A 7 7.68 0.34 -0.74
N IML A 8 5.01 -0.34 1.01
CA IML A 8 4.77 -1.55 1.87
C IML A 8 3.80 -1.31 3.08
O IML A 8 4.21 -1.13 4.21
CB IML A 8 6.10 -2.27 2.28
CN IML A 8 5.46 0.80 1.82
CG2 IML A 8 5.75 -3.66 2.90
CG1 IML A 8 7.09 -2.40 1.09
CD1 IML A 8 8.44 -3.07 1.44
HA IML A 8 4.22 -2.28 1.27
HB IML A 8 6.58 -1.67 3.05
HN1 IML A 8 5.50 0.54 2.88
HN2 IML A 8 6.48 1.07 1.53
HN3 IML A 8 4.78 1.66 1.71
HG21 IML A 8 5.14 -3.53 3.81
HG22 IML A 8 5.15 -4.25 2.20
HG23 IML A 8 6.64 -4.24 3.18
HG12 IML A 8 6.61 -2.94 0.26
HG13 IML A 8 7.32 -1.39 0.71
HD11 IML A 8 8.90 -2.60 2.32
HD12 IML A 8 8.31 -4.14 1.67
HD13 IML A 8 9.14 -2.99 0.60
N SAR A 9 2.42 -1.31 2.91
CA SAR A 9 1.45 -1.06 4.02
C SAR A 9 0.34 -2.14 4.20
O SAR A 9 0.37 -3.23 3.66
CN SAR A 9 1.77 -1.51 1.61
HA2 SAR A 9 0.95 -0.10 3.85
HA3 SAR A 9 1.95 -0.99 4.99
HN1 SAR A 9 2.16 -0.83 0.84
HN2 SAR A 9 0.69 -1.33 1.69
HN3 SAR A 9 1.91 -2.55 1.28
N VAL A 10 -0.68 -1.77 4.98
CA VAL A 10 -1.84 -2.61 5.33
C VAL A 10 -3.06 -1.69 5.46
N IML A 11 -4.27 -1.92 4.79
CA IML A 11 -4.47 -3.06 3.83
C IML A 11 -3.58 -2.92 2.56
O IML A 11 -3.53 -1.87 1.92
CB IML A 11 -5.96 -3.46 3.52
CN IML A 11 -5.36 -0.91 4.81
CG2 IML A 11 -6.11 -4.42 2.31
CG1 IML A 11 -6.57 -4.12 4.79
CD1 IML A 11 -8.11 -4.29 4.74
HA IML A 11 -4.08 -3.93 4.36
HB IML A 11 -6.52 -2.56 3.25
HN1 IML A 11 -5.15 -0.09 5.51
HN2 IML A 11 -5.47 -0.47 3.81
HN3 IML A 11 -6.31 -1.35 5.12
HG21 IML A 11 -5.65 -4.03 1.40
HG22 IML A 11 -5.69 -5.42 2.51
HG23 IML A 11 -7.18 -4.57 2.07
HG12 IML A 11 -6.10 -5.10 4.95
HG13 IML A 11 -6.32 -3.52 5.66
HD11 IML A 11 -8.41 -5.00 3.95
HD12 IML A 11 -8.48 -4.66 5.70
HD13 IML A 11 -8.60 -3.32 4.53
N SAR A 12 -2.82 -4.00 2.08
CA SAR A 12 -1.84 -3.87 0.95
C SAR A 12 -2.37 -3.33 -0.40
O SAR A 12 -1.62 -2.88 -1.25
CN SAR A 12 -2.67 -5.28 2.81
HA2 SAR A 12 -1.42 -4.86 0.72
HA3 SAR A 12 -1.03 -3.21 1.26
HN1 SAR A 12 -1.94 -5.17 3.62
HN2 SAR A 12 -2.35 -6.10 2.15
HN3 SAR A 12 -3.62 -5.59 3.26
N TRP A 1 -3.86 -3.60 -0.26
CA TRP A 1 -4.68 -3.42 -1.47
C TRP A 1 -5.64 -2.21 -1.36
N MVA A 2 -5.51 -1.06 -2.13
CN MVA A 2 -6.46 0.07 -1.98
CA MVA A 2 -4.39 -0.77 -3.09
CB MVA A 2 -4.79 -0.95 -4.58
CG1 MVA A 2 -3.51 -0.92 -5.47
CG2 MVA A 2 -5.58 -2.26 -4.86
C MVA A 2 -3.66 0.57 -2.82
O MVA A 2 -3.95 1.63 -3.34
HN1 MVA A 2 -6.18 0.71 -1.14
HN2 MVA A 2 -6.49 0.70 -2.88
HN3 MVA A 2 -7.49 -0.30 -1.81
HA MVA A 2 -3.58 -1.50 -2.93
HB MVA A 2 -5.42 -0.10 -4.88
HG11 MVA A 2 -2.99 0.03 -5.38
HG12 MVA A 2 -2.81 -1.70 -5.13
HG13 MVA A 2 -3.76 -1.09 -6.52
HG21 MVA A 2 -6.52 -2.27 -4.31
HG22 MVA A 2 -5.82 -2.35 -5.92
HG23 MVA A 2 -4.99 -3.13 -4.57
N ILE A 3 -2.64 0.46 -1.96
CA ILE A 3 -1.70 1.52 -1.59
C ILE A 3 -0.46 1.39 -2.50
N MVA A 4 -0.17 2.27 -3.52
CN MVA A 4 -1.13 3.28 -3.99
CA MVA A 4 0.98 2.02 -4.47
CB MVA A 4 0.48 0.97 -5.52
CG1 MVA A 4 -0.28 1.55 -6.74
CG2 MVA A 4 1.62 0.04 -5.98
C MVA A 4 1.74 3.25 -5.06
O MVA A 4 1.88 3.42 -6.26
HN1 MVA A 4 -1.55 3.85 -3.15
HN2 MVA A 4 -0.67 4.02 -4.67
HN3 MVA A 4 -1.93 2.78 -4.53
HA MVA A 4 1.77 1.52 -3.90
HB MVA A 4 -0.25 0.35 -5.00
HG11 MVA A 4 -0.88 2.42 -6.48
HG12 MVA A 4 0.41 1.86 -7.54
HG13 MVA A 4 -0.94 0.78 -7.17
HG21 MVA A 4 2.13 -0.43 -5.13
HG22 MVA A 4 1.25 -0.77 -6.63
HG23 MVA A 4 2.38 0.59 -6.56
N MVA A 5 2.30 4.22 -4.24
CN MVA A 5 2.13 4.21 -2.77
CA MVA A 5 2.82 5.53 -4.77
CB MVA A 5 1.67 6.59 -4.76
CG1 MVA A 5 1.49 7.41 -3.45
CG2 MVA A 5 1.77 7.55 -5.96
C MVA A 5 4.24 5.97 -4.29
O MVA A 5 4.45 7.02 -3.71
HN1 MVA A 5 2.25 3.19 -2.37
HN2 MVA A 5 2.87 4.86 -2.28
HN3 MVA A 5 1.14 4.58 -2.52
HA MVA A 5 3.03 5.38 -5.84
HB MVA A 5 0.75 6.01 -4.87
HG11 MVA A 5 1.51 6.80 -2.54
HG12 MVA A 5 2.27 8.18 -3.35
HG13 MVA A 5 0.54 7.94 -3.46
HG21 MVA A 5 0.93 8.26 -5.98
HG22 MVA A 5 2.70 8.13 -5.92
HG23 MVA A 5 1.76 6.99 -6.90
N SAR A 6 5.36 5.17 -4.53
CA SAR A 6 6.74 5.44 -4.01
C SAR A 6 7.20 4.53 -2.85
O SAR A 6 7.70 3.45 -3.08
CN SAR A 6 5.27 3.83 -5.17
HA2 SAR A 6 6.91 6.46 -3.67
HA3 SAR A 6 7.47 5.28 -4.81
HN1 SAR A 6 4.83 3.10 -4.48
HN2 SAR A 6 6.25 3.46 -5.49
HN3 SAR A 6 4.65 3.87 -6.08
N MVA A 7 7.05 4.96 -1.52
CN MVA A 7 6.44 6.26 -1.17
CA MVA A 7 7.75 4.22 -0.41
CB MVA A 7 8.90 5.06 0.26
CG1 MVA A 7 9.76 5.73 -0.87
CG2 MVA A 7 8.50 6.09 1.34
C MVA A 7 6.98 3.24 0.55
O MVA A 7 7.55 2.19 0.86
HN1 MVA A 7 7.01 7.09 -1.58
HN2 MVA A 7 5.42 6.31 -1.56
HN3 MVA A 7 6.38 6.40 -0.08
HA MVA A 7 8.37 3.48 -0.91
HB MVA A 7 9.55 4.34 0.77
HG11 MVA A 7 10.16 4.95 -1.52
HG12 MVA A 7 9.17 6.40 -1.49
HG13 MVA A 7 10.60 6.29 -0.44
HG21 MVA A 7 7.75 5.66 2.02
HG22 MVA A 7 9.37 6.35 1.95
HG23 MVA A 7 8.11 7.02 0.92
N IML A 8 5.70 3.42 1.09
CA IML A 8 5.00 2.40 1.94
C IML A 8 3.70 1.85 1.28
O IML A 8 2.60 2.29 1.58
CB IML A 8 4.77 2.88 3.41
CN IML A 8 4.83 4.58 0.86
CG2 IML A 8 4.32 1.71 4.29
CG1 IML A 8 5.99 3.62 4.04
CD1 IML A 8 7.22 2.73 4.34
HA IML A 8 5.66 1.53 2.03
HB IML A 8 3.96 3.61 3.40
HN1 IML A 8 4.62 4.73 -0.21
HN2 IML A 8 3.85 4.45 1.35
HN3 IML A 8 5.28 5.49 1.30
HG21 IML A 8 3.34 1.33 3.96
HG22 IML A 8 5.02 0.86 4.24
HG23 IML A 8 4.21 2.01 5.35
HG12 IML A 8 6.29 4.46 3.39
HG13 IML A 8 5.67 4.09 4.99
HD11 IML A 8 7.55 2.20 3.43
HD12 IML A 8 8.06 3.34 4.69
HD13 IML A 8 7.00 1.98 5.11
N SAR A 9 3.74 0.84 0.33
CA SAR A 9 2.52 0.38 -0.41
C SAR A 9 2.16 -1.12 -0.26
O SAR A 9 1.94 -1.61 0.84
CN SAR A 9 4.99 0.20 -0.15
HA2 SAR A 9 2.65 0.63 -1.47
HA3 SAR A 9 1.63 0.91 -0.09
HN1 SAR A 9 5.58 -0.15 0.71
HN2 SAR A 9 5.59 0.92 -0.73
HN3 SAR A 9 4.78 -0.66 -0.80
N VAL A 10 2.07 -1.86 -1.38
CA VAL A 10 2.05 -3.35 -1.40
C VAL A 10 3.18 -3.92 -0.51
N IML A 11 2.99 -4.95 0.43
CA IML A 11 1.65 -5.63 0.67
C IML A 11 0.53 -4.71 1.26
O IML A 11 0.69 -4.05 2.27
CB IML A 11 1.61 -7.06 1.31
CN IML A 11 4.07 -5.30 1.37
CG2 IML A 11 2.31 -8.15 0.44
CG1 IML A 11 2.02 -7.17 2.83
CD1 IML A 11 1.42 -8.40 3.53
HA IML A 11 1.33 -5.82 -0.36
HB IML A 11 0.55 -7.33 1.29
HN1 IML A 11 3.75 -5.09 2.40
HN2 IML A 11 4.35 -6.34 1.28
HN3 IML A 11 4.98 -4.71 1.21
HG21 IML A 11 2.11 -9.15 0.81
HG22 IML A 11 1.94 -8.10 -0.60
HG23 IML A 11 3.40 -8.01 0.40
HG12 IML A 11 3.11 -7.21 2.93
HG13 IML A 11 1.69 -6.27 3.36
HD11 IML A 11 1.81 -9.33 3.11
HD12 IML A 11 1.68 -8.39 4.60
HD13 IML A 11 0.32 -8.41 3.47
N SAR A 12 -0.72 -4.65 0.63
CA SAR A 12 -1.79 -3.68 1.05
C SAR A 12 -2.62 -3.10 -0.10
O SAR A 12 -2.20 -2.22 -0.85
CN SAR A 12 -1.09 -5.47 -0.55
HA2 SAR A 12 -1.34 -2.81 1.56
HA3 SAR A 12 -2.46 -4.16 1.76
HN1 SAR A 12 -0.78 -4.98 -1.48
HN2 SAR A 12 -2.17 -5.67 -0.57
HN3 SAR A 12 -0.60 -6.46 -0.52
N TRP A 1 -3.73 -3.81 -0.63
CA TRP A 1 -4.74 -3.46 -1.62
C TRP A 1 -5.53 -2.21 -1.16
N MVA A 2 -5.44 -0.98 -1.81
CN MVA A 2 -6.21 0.20 -1.36
CA MVA A 2 -4.55 -0.69 -3.00
CB MVA A 2 -5.32 -0.63 -4.35
CG1 MVA A 2 -4.31 -0.64 -5.52
CG2 MVA A 2 -6.33 -1.81 -4.53
C MVA A 2 -3.60 0.52 -2.82
O MVA A 2 -3.87 1.65 -3.17
HN1 MVA A 2 -5.71 0.67 -0.50
HN2 MVA A 2 -6.32 0.95 -2.15
HN3 MVA A 2 -7.22 -0.09 -1.06
HA MVA A 2 -3.85 -1.51 -3.13
HB MVA A 2 -5.90 0.30 -4.39
HG11 MVA A 2 -3.64 0.23 -5.46
HG12 MVA A 2 -3.68 -1.53 -5.47
HG13 MVA A 2 -4.82 -0.61 -6.49
HG21 MVA A 2 -5.81 -2.77 -4.51
HG22 MVA A 2 -7.09 -1.80 -3.75
HG23 MVA A 2 -6.85 -1.72 -5.50
N ILE A 3 -2.42 0.19 -2.24
CA ILE A 3 -1.24 1.05 -2.07
C ILE A 3 -1.65 2.44 -1.52
N MVA A 4 -2.12 2.58 -0.21
CN MVA A 4 -2.30 1.43 0.71
CA MVA A 4 -2.65 3.93 0.25
CB MVA A 4 -3.73 3.93 1.39
CG1 MVA A 4 -3.21 3.75 2.84
CG2 MVA A 4 -4.60 5.23 1.34
C MVA A 4 -1.70 5.18 0.24
O MVA A 4 -2.03 6.22 -0.32
HN1 MVA A 4 -1.79 1.61 1.67
HN2 MVA A 4 -3.36 1.23 0.91
HN3 MVA A 4 -1.87 0.49 0.32
HA MVA A 4 -3.26 4.20 -0.62
HB MVA A 4 -4.43 3.12 1.20
HG11 MVA A 4 -2.44 4.51 3.08
HG12 MVA A 4 -4.02 3.86 3.56
HG13 MVA A 4 -2.77 2.75 3.01
HG21 MVA A 4 -4.01 6.11 1.62
HG22 MVA A 4 -5.00 5.39 0.34
HG23 MVA A 4 -5.44 5.16 2.03
N MVA A 5 -0.45 5.20 0.85
CN MVA A 5 0.07 3.99 1.49
CA MVA A 5 0.52 6.36 0.80
CB MVA A 5 0.42 7.26 2.08
CG1 MVA A 5 1.12 8.63 1.86
CG2 MVA A 5 -1.04 7.55 2.52
C MVA A 5 2.00 5.95 0.46
O MVA A 5 2.92 6.11 1.24
HN1 MVA A 5 -0.78 3.45 1.93
HN2 MVA A 5 0.51 3.35 0.73
HN3 MVA A 5 0.81 4.22 2.28
HA MVA A 5 0.23 7.00 -0.04
HB MVA A 5 0.92 6.74 2.91
HG11 MVA A 5 0.64 9.20 1.05
HG12 MVA A 5 1.06 9.24 2.77
HG13 MVA A 5 2.18 8.54 1.61
HG21 MVA A 5 -1.61 8.03 1.73
HG22 MVA A 5 -1.56 6.62 2.81
HG23 MVA A 5 -1.05 8.20 3.41
N SAR A 6 2.31 5.36 -0.76
CA SAR A 6 3.68 4.79 -1.07
C SAR A 6 4.12 3.54 -0.28
O SAR A 6 3.63 3.24 0.80
CN SAR A 6 1.31 5.00 -1.77
HA2 SAR A 6 4.47 5.51 -0.86
HA3 SAR A 6 3.75 4.57 -2.14
HN1 SAR A 6 1.75 4.89 -2.77
HN2 SAR A 6 0.51 5.76 -1.85
HN3 SAR A 6 0.83 4.05 -1.49
N MVA A 7 5.11 2.72 -0.78
CN MVA A 7 5.69 2.86 -2.14
CA MVA A 7 5.85 1.68 0.06
CB MVA A 7 6.82 2.38 1.07
CG1 MVA A 7 7.68 3.44 0.35
CG2 MVA A 7 6.18 3.01 2.33
C MVA A 7 5.04 0.48 0.68
O MVA A 7 5.43 -0.04 1.72
HN1 MVA A 7 4.90 2.97 -2.89
HN2 MVA A 7 6.37 3.72 -2.19
HN3 MVA A 7 6.25 1.96 -2.44
HA MVA A 7 6.54 1.16 -0.60
HB MVA A 7 7.51 1.60 1.43
HG11 MVA A 7 7.08 4.30 0.04
HG12 MVA A 7 8.48 3.81 1.00
HG13 MVA A 7 8.14 2.99 -0.54
HG21 MVA A 7 6.97 3.25 3.07
HG22 MVA A 7 5.66 3.95 2.11
HG23 MVA A 7 5.47 2.33 2.82
N IML A 8 3.89 -0.05 0.09
CA IML A 8 3.10 -1.19 0.68
C IML A 8 2.77 -1.08 2.21
O IML A 8 3.30 -1.80 3.04
CB IML A 8 3.61 -2.59 0.26
CN IML A 8 3.29 0.40 -1.18
CG2 IML A 8 2.40 -3.54 0.36
CG1 IML A 8 4.23 -2.63 -1.18
CD1 IML A 8 4.78 -4.02 -1.54
HA IML A 8 2.10 -1.14 0.24
HB IML A 8 4.38 -2.90 0.96
HN1 IML A 8 2.57 -0.33 -1.55
HN2 IML A 8 2.76 1.35 -1.03
HN3 IML A 8 4.07 0.53 -1.95
HG21 IML A 8 1.98 -3.50 1.38
HG22 IML A 8 1.60 -3.19 -0.31
HG23 IML A 8 2.64 -4.58 0.13
HG12 IML A 8 3.49 -2.34 -1.93
HG13 IML A 8 5.05 -1.92 -1.25
HD11 IML A 8 5.45 -3.98 -2.41
HD12 IML A 8 5.35 -4.41 -0.68
HD13 IML A 8 3.98 -4.75 -1.76
N SAR A 9 1.84 -0.16 2.66
CA SAR A 9 1.56 0.07 4.11
C SAR A 9 0.42 -0.74 4.76
O SAR A 9 0.63 -1.78 5.36
CN SAR A 9 1.13 0.75 1.74
HA2 SAR A 9 1.36 1.13 4.30
HA3 SAR A 9 2.47 -0.17 4.69
HN1 SAR A 9 1.85 1.35 1.15
HN2 SAR A 9 0.50 1.46 2.28
HN3 SAR A 9 0.50 0.18 1.05
N VAL A 10 -0.82 -0.24 4.63
CA VAL A 10 -2.01 -0.73 5.34
C VAL A 10 -3.25 -0.77 4.42
N IML A 11 -3.77 -1.96 3.89
CA IML A 11 -3.13 -3.31 3.98
C IML A 11 -2.88 -3.92 2.57
O IML A 11 -3.59 -4.79 2.10
CB IML A 11 -3.86 -4.31 4.94
CN IML A 11 -4.96 -1.93 3.00
CG2 IML A 11 -3.08 -5.66 5.06
CG1 IML A 11 -4.00 -3.65 6.33
CD1 IML A 11 -4.72 -4.51 7.40
HA IML A 11 -2.11 -3.21 4.38
HB IML A 11 -4.86 -4.52 4.54
HN1 IML A 11 -5.71 -1.22 3.37
HN2 IML A 11 -4.66 -1.62 1.98
HN3 IML A 11 -5.44 -2.91 2.93
HG21 IML A 11 -2.09 -5.51 5.50
HG22 IML A 11 -3.63 -6.38 5.69
HG23 IML A 11 -2.95 -6.15 4.09
HG12 IML A 11 -2.98 -3.41 6.68
HG13 IML A 11 -4.54 -2.70 6.19
HD11 IML A 11 -4.13 -5.38 7.68
HD12 IML A 11 -4.90 -3.91 8.30
HD13 IML A 11 -5.69 -4.86 7.02
N SAR A 12 -1.82 -3.46 1.80
CA SAR A 12 -1.55 -4.00 0.45
C SAR A 12 -2.45 -3.43 -0.66
O SAR A 12 -2.02 -2.66 -1.51
CN SAR A 12 -0.94 -2.33 2.19
HA2 SAR A 12 -1.73 -5.09 0.50
HA3 SAR A 12 -0.51 -3.85 0.17
HN1 SAR A 12 -0.35 -2.62 3.07
HN2 SAR A 12 -1.53 -1.44 2.43
HN3 SAR A 12 -0.24 -2.07 1.38
N TRP A 1 -3.78 -3.27 -0.25
CA TRP A 1 -4.78 -3.42 -1.32
C TRP A 1 -5.78 -2.25 -1.36
N MVA A 2 -5.60 -1.11 -2.16
CN MVA A 2 -6.59 -0.01 -2.13
CA MVA A 2 -4.42 -0.84 -3.05
CB MVA A 2 -4.79 -0.75 -4.57
CG1 MVA A 2 -3.50 -0.69 -5.43
CG2 MVA A 2 -5.64 -1.97 -5.03
C MVA A 2 -3.56 0.38 -2.59
O MVA A 2 -3.73 1.54 -2.95
HN1 MVA A 2 -7.58 -0.39 -2.40
HN2 MVA A 2 -6.65 0.43 -1.12
HN3 MVA A 2 -6.34 0.80 -2.83
HA MVA A 2 -3.73 -1.68 -3.00
HB MVA A 2 -5.37 0.16 -4.76
HG11 MVA A 2 -2.91 0.22 -5.20
HG12 MVA A 2 -2.86 -1.55 -5.23
HG13 MVA A 2 -3.73 -0.67 -6.50
HG21 MVA A 2 -5.84 -1.90 -6.10
HG22 MVA A 2 -5.13 -2.91 -4.82
HG23 MVA A 2 -6.62 -1.98 -4.52
N ILE A 3 -2.58 0.05 -1.72
CA ILE A 3 -1.65 0.95 -1.03
C ILE A 3 -0.24 0.33 -1.12
N MVA A 4 0.58 0.54 -2.22
CN MVA A 4 0.14 1.25 -3.43
CA MVA A 4 1.91 -0.15 -2.34
CB MVA A 4 1.71 -1.50 -3.12
CG1 MVA A 4 1.85 -1.44 -4.66
CG2 MVA A 4 2.61 -2.62 -2.55
C MVA A 4 3.15 0.73 -2.73
O MVA A 4 3.95 0.38 -3.59
HN1 MVA A 4 -0.52 0.59 -4.01
HN2 MVA A 4 -0.40 2.16 -3.17
HN3 MVA A 4 1.00 1.54 -4.06
HA MVA A 4 2.21 -0.44 -1.32
HB MVA A 4 0.67 -1.80 -2.92
HG11 MVA A 4 2.90 -1.42 -4.96
HG12 MVA A 4 1.40 -2.32 -5.12
HG13 MVA A 4 1.35 -0.54 -5.07
HG21 MVA A 4 3.67 -2.35 -2.61
HG22 MVA A 4 2.35 -2.83 -1.50
HG23 MVA A 4 2.46 -3.55 -3.11
N MVA A 5 3.42 1.97 -2.12
CN MVA A 5 2.50 2.59 -1.14
CA MVA A 5 4.48 2.90 -2.62
CB MVA A 5 3.83 3.81 -3.73
CG1 MVA A 5 3.17 5.14 -3.24
CG2 MVA A 5 4.81 4.12 -4.88
C MVA A 5 5.39 3.63 -1.56
O MVA A 5 5.63 4.82 -1.62
HN1 MVA A 5 1.65 3.02 -1.69
HN2 MVA A 5 2.12 1.85 -0.42
HN3 MVA A 5 2.98 3.39 -0.57
HA MVA A 5 5.24 2.29 -3.15
HB MVA A 5 2.99 3.22 -4.14
HG11 MVA A 5 2.51 5.54 -4.02
HG12 MVA A 5 2.55 5.00 -2.35
HG13 MVA A 5 3.92 5.91 -3.02
HG21 MVA A 5 4.31 4.68 -5.67
HG22 MVA A 5 5.67 4.69 -4.52
HG23 MVA A 5 5.18 3.17 -5.32
N SAR A 6 5.95 2.95 -0.47
CA SAR A 6 6.76 3.63 0.59
C SAR A 6 8.23 3.21 0.74
O SAR A 6 8.96 3.10 -0.24
CN SAR A 6 5.74 1.52 -0.18
HA2 SAR A 6 6.31 3.51 1.58
HA3 SAR A 6 6.88 4.72 0.44
HN1 SAR A 6 4.78 1.37 0.33
HN2 SAR A 6 6.53 1.12 0.47
HN3 SAR A 6 5.75 0.92 -1.10
N MVA A 7 8.76 2.94 1.99
CN MVA A 7 10.17 2.69 2.14
CA MVA A 7 8.02 2.98 3.30
CB MVA A 7 7.66 4.46 3.68
CG1 MVA A 7 6.76 4.52 4.91
CG2 MVA A 7 8.93 5.32 3.92
C MVA A 7 6.93 1.88 3.44
O MVA A 7 5.74 2.13 3.53
HN1 MVA A 7 10.42 2.36 3.16
HN2 MVA A 7 10.47 1.91 1.43
HN3 MVA A 7 10.68 3.64 1.91
HA MVA A 7 8.68 2.71 4.13
HB MVA A 7 7.10 4.95 2.86
HG11 MVA A 7 5.73 4.29 4.61
HG12 MVA A 7 7.11 3.80 5.65
HG13 MVA A 7 6.75 5.52 5.37
HG21 MVA A 7 8.66 6.33 4.21
HG22 MVA A 7 9.56 4.89 4.70
HG23 MVA A 7 9.54 5.39 3.01
N IML A 8 7.28 0.52 3.46
CA IML A 8 6.34 -0.60 3.78
C IML A 8 5.00 -0.66 2.99
O IML A 8 3.95 -0.27 3.45
CB IML A 8 6.15 -0.78 5.31
CN IML A 8 8.68 0.04 3.30
CG2 IML A 8 5.76 -2.27 5.54
CG1 IML A 8 7.39 -0.41 6.18
CD1 IML A 8 7.14 -0.51 7.70
HA IML A 8 6.83 -1.53 3.46
HB IML A 8 5.33 -0.14 5.63
HN1 IML A 8 9.35 0.57 4.00
HN2 IML A 8 8.74 -1.03 3.54
HN3 IML A 8 9.03 0.18 2.28
HG21 IML A 8 4.93 -2.53 4.88
HG22 IML A 8 6.59 -2.93 5.26
HG23 IML A 8 5.47 -2.47 6.58
HG12 IML A 8 8.25 -1.04 5.91
HG13 IML A 8 7.71 0.62 5.97
HD11 IML A 8 6.25 0.05 7.99
HD12 IML A 8 7.03 -1.55 8.02
HD13 IML A 8 8.01 -0.10 8.26
N SAR A 9 4.96 -1.19 1.70
CA SAR A 9 3.66 -1.39 0.98
C SAR A 9 2.84 -2.62 1.40
O SAR A 9 1.86 -2.54 2.12
CN SAR A 9 6.13 -1.79 1.03
HA2 SAR A 9 3.84 -1.46 -0.10
HA3 SAR A 9 3.02 -0.52 1.13
HN1 SAR A 9 6.39 -2.76 1.48
HN2 SAR A 9 7.00 -1.13 1.14
HN3 SAR A 9 5.97 -1.93 -0.05
N VAL A 10 3.25 -3.81 0.92
CA VAL A 10 2.65 -5.12 1.23
C VAL A 10 2.66 -5.43 2.74
N IML A 11 1.53 -5.91 3.43
CA IML A 11 0.19 -6.11 2.78
C IML A 11 -0.57 -4.79 2.46
O IML A 11 -0.76 -3.92 3.31
CB IML A 11 -0.79 -7.21 3.33
CN IML A 11 1.55 -6.05 4.90
CG2 IML A 11 -0.17 -8.63 3.26
CG1 IML A 11 -1.46 -6.93 4.71
CD1 IML A 11 -2.79 -7.69 4.92
HA IML A 11 0.45 -6.52 1.80
HB IML A 11 -1.60 -7.22 2.61
HN1 IML A 11 2.49 -5.70 5.35
HN2 IML A 11 0.74 -5.46 5.35
HN3 IML A 11 1.44 -7.11 5.18
HG21 IML A 11 0.69 -8.73 3.95
HG22 IML A 11 -0.89 -9.41 3.52
HG23 IML A 11 0.20 -8.85 2.25
HG12 IML A 11 -0.78 -7.20 5.53
HG13 IML A 11 -1.66 -5.86 4.82
HD11 IML A 11 -2.64 -8.78 4.89
HD12 IML A 11 -3.22 -7.44 5.89
HD13 IML A 11 -3.51 -7.43 4.14
N SAR A 12 -1.07 -4.53 1.18
CA SAR A 12 -1.58 -3.16 0.81
C SAR A 12 -2.48 -3.06 -0.43
O SAR A 12 -2.03 -2.80 -1.53
CN SAR A 12 -0.88 -5.46 0.02
HA2 SAR A 12 -0.72 -2.50 0.64
HA3 SAR A 12 -2.14 -2.72 1.65
HN1 SAR A 12 0.09 -5.30 -0.45
HN2 SAR A 12 -1.66 -5.33 -0.74
HN3 SAR A 12 -0.95 -6.50 0.35
N TRP A 1 -3.72 -3.83 -0.63
CA TRP A 1 -4.76 -3.47 -1.61
C TRP A 1 -5.53 -2.21 -1.16
N MVA A 2 -5.42 -0.98 -1.80
CN MVA A 2 -6.17 0.20 -1.32
CA MVA A 2 -4.54 -0.69 -2.98
CB MVA A 2 -5.32 -0.62 -4.34
CG1 MVA A 2 -4.32 -0.64 -5.50
CG2 MVA A 2 -6.35 -1.77 -4.51
C MVA A 2 -3.57 0.49 -2.81
O MVA A 2 -3.85 1.64 -3.16
HN1 MVA A 2 -6.26 0.98 -2.10
HN2 MVA A 2 -7.18 -0.07 -1.00
HN3 MVA A 2 -5.65 0.64 -0.46
HA MVA A 2 -3.85 -1.52 -3.13
HB MVA A 2 -5.88 0.33 -4.37
HG11 MVA A 2 -4.84 -0.56 -6.47
HG12 MVA A 2 -3.61 0.20 -5.44
HG13 MVA A 2 -3.73 -1.57 -5.49
HG21 MVA A 2 -5.87 -2.75 -4.47
HG22 MVA A 2 -7.12 -1.73 -3.73
HG23 MVA A 2 -6.88 -1.69 -5.47
N ILE A 3 -2.40 0.16 -2.27
CA ILE A 3 -1.18 0.98 -2.13
C ILE A 3 -1.54 2.39 -1.62
N MVA A 4 -1.99 2.60 -0.32
CN MVA A 4 -2.18 1.50 0.66
CA MVA A 4 -2.47 3.99 0.10
CB MVA A 4 -3.55 4.07 1.24
CG1 MVA A 4 -3.02 3.92 2.69
CG2 MVA A 4 -4.36 5.38 1.15
C MVA A 4 -1.50 5.21 0.04
O MVA A 4 -1.81 6.22 -0.58
HN1 MVA A 4 -1.60 1.68 1.57
HN2 MVA A 4 -3.23 1.36 0.93
HN3 MVA A 4 -1.83 0.53 0.27
HA MVA A 4 -3.09 4.25 -0.77
HB MVA A 4 -4.28 3.27 1.06
HG11 MVA A 4 -2.60 2.91 2.88
HG12 MVA A 4 -2.27 4.67 2.92
HG13 MVA A 4 -3.84 4.03 3.41
HG21 MVA A 4 -5.20 5.37 1.85
HG22 MVA A 4 -3.74 6.26 1.37
HG23 MVA A 4 -4.79 5.51 0.14
N MVA A 5 -0.25 5.23 0.66
CN MVA A 5 0.24 4.03 1.35
CA MVA A 5 0.74 6.37 0.57
CB MVA A 5 0.65 7.30 1.82
CG1 MVA A 5 1.41 8.64 1.60
CG2 MVA A 5 -0.82 7.65 2.23
C MVA A 5 2.21 5.90 0.26
O MVA A 5 3.13 6.08 1.03
HN1 MVA A 5 -0.60 3.53 1.82
HN2 MVA A 5 0.65 3.34 0.60
HN3 MVA A 5 1.00 4.27 2.11
HA MVA A 5 0.48 6.99 -0.29
HB MVA A 5 1.11 6.80 2.68
HG11 MVA A 5 1.01 9.17 0.73
HG12 MVA A 5 1.33 9.30 2.47
HG13 MVA A 5 2.49 8.48 1.41
HG21 MVA A 5 -1.36 8.12 1.40
HG22 MVA A 5 -1.37 6.75 2.52
HG23 MVA A 5 -0.83 8.34 3.08
N SAR A 6 2.51 5.25 -0.94
CA SAR A 6 3.84 4.62 -1.21
C SAR A 6 4.24 3.41 -0.33
O SAR A 6 3.71 3.17 0.75
CN SAR A 6 1.48 4.89 -1.94
HA2 SAR A 6 4.67 5.33 -1.04
HA3 SAR A 6 3.91 4.30 -2.25
HN1 SAR A 6 0.96 3.97 -1.62
HN2 SAR A 6 1.92 4.71 -2.93
HN3 SAR A 6 0.72 5.67 -2.06
N MVA A 7 5.27 2.56 -0.74
CN MVA A 7 5.90 2.62 -2.07
CA MVA A 7 5.96 1.58 0.18
CB MVA A 7 6.93 2.32 1.17
CG1 MVA A 7 7.83 3.33 0.42
CG2 MVA A 7 6.24 3.02 2.38
C MVA A 7 5.13 0.42 0.84
O MVA A 7 5.47 -0.03 1.93
HN1 MVA A 7 6.58 3.48 -2.14
HN2 MVA A 7 6.45 1.70 -2.30
HN3 MVA A 7 5.14 2.72 -2.86
HA MVA A 7 6.66 1.01 -0.43
HB MVA A 7 7.58 1.55 1.60
HG11 MVA A 7 8.30 2.83 -0.43
HG12 MVA A 7 7.24 4.18 0.05
HG13 MVA A 7 8.61 3.72 1.07
HG21 MVA A 7 5.49 2.39 2.86
HG22 MVA A 7 6.99 3.30 3.12
HG23 MVA A 7 5.74 3.95 2.06
N IML A 8 4.00 -0.16 0.25
CA IML A 8 3.19 -1.25 0.89
C IML A 8 2.85 -1.09 2.40
O IML A 8 3.36 -1.77 3.27
CB IML A 8 3.71 -2.69 0.52
CN IML A 8 3.45 0.22 -1.07
CG2 IML A 8 2.46 -3.60 0.62
CG1 IML A 8 4.38 -2.80 -0.88
CD1 IML A 8 4.99 -4.20 -1.16
HA IML A 8 2.19 -1.20 0.44
HB IML A 8 4.44 -3.00 1.27
HN1 IML A 8 2.93 1.19 -1.00
HN2 IML A 8 4.24 0.28 -1.82
HN3 IML A 8 2.71 -0.52 -1.42
HG21 IML A 8 2.03 -3.52 1.63
HG22 IML A 8 1.68 -3.26 -0.07
HG23 IML A 8 2.69 -4.65 0.42
HG12 IML A 8 3.66 -2.57 -1.68
HG13 IML A 8 5.19 -2.08 -0.97
HD11 IML A 8 5.68 -4.50 -0.36
HD12 IML A 8 4.21 -4.97 -1.25
HD13 IML A 8 5.56 -4.18 -2.09
N SAR A 9 1.93 -0.12 2.81
CA SAR A 9 1.60 0.12 4.25
C SAR A 9 0.41 -0.65 4.84
O SAR A 9 0.55 -1.68 5.47
CN SAR A 9 1.23 0.75 1.85
HA2 SAR A 9 1.41 1.19 4.42
HA3 SAR A 9 2.46 -0.13 4.87
HN1 SAR A 9 1.95 1.24 1.19
HN2 SAR A 9 0.66 1.56 2.35
HN3 SAR A 9 0.55 0.15 1.23
N VAL A 10 -0.81 -0.13 4.65
CA VAL A 10 -2.08 -0.58 5.27
C VAL A 10 -3.21 -0.59 4.23
N IML A 11 -3.76 -1.73 3.67
CA IML A 11 -3.29 -3.15 3.89
C IML A 11 -2.89 -3.89 2.56
O IML A 11 -3.49 -4.87 2.14
CB IML A 11 -4.22 -4.02 4.81
CN IML A 11 -4.81 -1.61 2.62
CG2 IML A 11 -4.16 -3.50 6.28
CG1 IML A 11 -5.69 -4.16 4.34
CD1 IML A 11 -6.53 -5.19 5.14
HA IML A 11 -2.32 -3.14 4.41
HB IML A 11 -3.78 -5.02 4.83
HN1 IML A 11 -4.43 -1.00 1.78
HN2 IML A 11 -5.14 -2.57 2.23
HN3 IML A 11 -5.69 -1.08 3.03
HG21 IML A 11 -4.61 -4.23 6.97
HG22 IML A 11 -3.13 -3.34 6.60
HG23 IML A 11 -4.72 -2.56 6.37
HG12 IML A 11 -6.20 -3.18 4.39
HG13 IML A 11 -5.72 -4.47 3.29
HD11 IML A 11 -6.04 -6.17 5.15
HD12 IML A 11 -6.68 -4.85 6.18
HD13 IML A 11 -7.52 -5.31 4.68
N SAR A 12 -1.83 -3.44 1.79
CA SAR A 12 -1.54 -3.98 0.42
C SAR A 12 -2.46 -3.42 -0.66
O SAR A 12 -2.06 -2.63 -1.52
CN SAR A 12 -1.07 -2.21 2.12
HA2 SAR A 12 -1.68 -5.08 0.42
HA3 SAR A 12 -0.51 -3.78 0.12
HN1 SAR A 12 -0.15 -2.13 1.52
HN2 SAR A 12 -0.78 -2.22 3.17
HN3 SAR A 12 -1.68 -1.32 1.95
N TRP A 1 -3.75 -3.47 -0.55
CA TRP A 1 -4.60 -3.16 -1.70
C TRP A 1 -5.61 -2.04 -1.39
N MVA A 2 -5.73 -0.88 -2.14
CN MVA A 2 -6.69 0.19 -1.75
CA MVA A 2 -4.95 -0.55 -3.37
CB MVA A 2 -5.84 -0.25 -4.62
CG1 MVA A 2 -4.92 -0.15 -5.88
CG2 MVA A 2 -6.91 -1.33 -4.86
C MVA A 2 -3.84 0.51 -3.15
O MVA A 2 -3.97 1.69 -3.38
HN1 MVA A 2 -6.45 1.16 -2.21
HN2 MVA A 2 -7.71 -0.09 -2.03
HN3 MVA A 2 -6.67 0.34 -0.66
HA MVA A 2 -4.40 -1.43 -3.70
HB MVA A 2 -6.34 0.72 -4.50
HG11 MVA A 2 -4.24 0.71 -5.80
HG12 MVA A 2 -4.30 -1.04 -5.96
HG13 MVA A 2 -5.50 -0.03 -6.79
HG21 MVA A 2 -7.50 -1.11 -5.76
HG22 MVA A 2 -6.45 -2.32 -5.01
HG23 MVA A 2 -7.61 -1.40 -4.02
N ILE A 3 -2.69 -0.02 -2.66
CA ILE A 3 -1.44 0.69 -2.35
C ILE A 3 -1.75 1.72 -1.26
N MVA A 4 -1.77 1.30 0.07
CN MVA A 4 -1.44 -0.07 0.49
CA MVA A 4 -2.20 2.15 1.21
CB MVA A 4 -3.68 1.74 1.57
CG1 MVA A 4 -4.05 2.11 3.01
CG2 MVA A 4 -4.68 2.37 0.57
C MVA A 4 -1.15 2.16 2.38
O MVA A 4 -1.19 1.38 3.31
HN1 MVA A 4 -1.94 -0.81 -0.14
HN2 MVA A 4 -0.35 -0.22 0.41
HN3 MVA A 4 -1.74 -0.25 1.53
HA MVA A 4 -2.27 3.19 0.88
HB MVA A 4 -3.78 0.66 1.49
HG11 MVA A 4 -5.14 2.06 3.13
HG12 MVA A 4 -3.60 1.37 3.67
HG13 MVA A 4 -3.68 3.11 3.27
HG21 MVA A 4 -4.66 3.46 0.61
HG22 MVA A 4 -4.47 2.04 -0.45
HG23 MVA A 4 -5.71 2.03 0.81
N MVA A 5 -0.12 3.10 2.38
CN MVA A 5 0.05 4.07 1.28
CA MVA A 5 0.92 3.22 3.45
CB MVA A 5 0.39 4.15 4.59
CG1 MVA A 5 -0.72 3.55 5.50
CG2 MVA A 5 1.54 4.72 5.45
C MVA A 5 1.61 1.87 3.87
O MVA A 5 1.60 1.48 5.02
HN1 MVA A 5 -0.82 4.73 1.22
HN2 MVA A 5 0.94 4.69 1.42
HN3 MVA A 5 0.17 3.52 0.34
HA MVA A 5 1.78 3.76 3.04
HB MVA A 5 -0.07 5.00 4.08
HG11 MVA A 5 -0.39 2.63 6.00
HG12 MVA A 5 -0.99 4.28 6.27
HG13 MVA A 5 -1.62 3.32 4.92
HG21 MVA A 5 1.17 5.47 6.16
HG22 MVA A 5 2.04 3.93 6.03
HG23 MVA A 5 2.30 5.20 4.82
N SAR A 6 2.25 1.07 2.91
CA SAR A 6 2.73 -0.31 3.18
C SAR A 6 1.68 -1.38 3.53
O SAR A 6 0.90 -1.75 2.67
CN SAR A 6 2.27 1.41 1.48
HA2 SAR A 6 3.48 -0.40 3.98
HA3 SAR A 6 3.23 -0.70 2.29
HN1 SAR A 6 1.32 1.14 1.00
HN2 SAR A 6 3.09 0.89 0.95
HN3 SAR A 6 2.45 2.49 1.32
N MVA A 7 1.58 -1.93 4.81
CN MVA A 7 2.42 -1.51 5.96
CA MVA A 7 0.78 -3.17 5.07
CB MVA A 7 1.70 -4.42 4.93
CG1 MVA A 7 2.46 -4.38 3.58
CG2 MVA A 7 2.74 -4.68 6.06
C MVA A 7 -0.14 -3.14 6.33
O MVA A 7 -0.11 -4.03 7.17
HN1 MVA A 7 3.49 -1.65 5.75
HN2 MVA A 7 2.25 -0.46 6.22
HN3 MVA A 7 2.18 -2.09 6.86
HA MVA A 7 0.06 -3.29 4.25
HB MVA A 7 1.04 -5.30 4.91
HG11 MVA A 7 3.01 -5.30 3.39
HG12 MVA A 7 1.74 -4.24 2.76
HG13 MVA A 7 3.16 -3.52 3.54
HG21 MVA A 7 2.29 -4.69 7.06
HG22 MVA A 7 3.20 -5.67 5.91
HG23 MVA A 7 3.55 -3.94 6.06
N IML A 8 -1.05 -2.10 6.59
CA IML A 8 -1.82 -1.95 7.86
C IML A 8 -3.36 -2.23 7.78
O IML A 8 -4.14 -1.37 7.39
CB IML A 8 -1.51 -0.61 8.63
CN IML A 8 -1.19 -0.93 5.69
CG2 IML A 8 -2.26 -0.55 9.99
CG1 IML A 8 0.02 -0.42 8.85
CD1 IML A 8 0.42 1.00 9.34
HA IML A 8 -1.44 -2.72 8.55
HB IML A 8 -1.88 0.22 8.01
HN1 IML A 8 -0.41 -0.20 5.92
HN2 IML A 8 -1.10 -1.22 4.64
HN3 IML A 8 -2.18 -0.46 5.83
HG21 IML A 8 -3.34 -0.62 9.86
HG22 IML A 8 -1.93 -1.36 10.65
HG23 IML A 8 -2.08 0.40 10.50
HG12 IML A 8 0.39 -1.17 9.56
HG13 IML A 8 0.57 -0.60 7.92
HD11 IML A 8 0.02 1.76 8.68
HD12 IML A 8 0.07 1.18 10.36
HD13 IML A 8 1.51 1.10 9.33
N SAR A 9 -3.91 -3.46 8.12
CA SAR A 9 -5.39 -3.71 8.20
C SAR A 9 -6.11 -4.18 6.93
O SAR A 9 -6.92 -5.10 6.92
CN SAR A 9 -3.10 -4.63 8.51
HA2 SAR A 9 -5.89 -2.78 8.48
HA3 SAR A 9 -5.65 -4.43 8.99
HN1 SAR A 9 -2.41 -4.86 7.70
HN2 SAR A 9 -3.73 -5.52 8.68
HN3 SAR A 9 -2.55 -4.42 9.43
N VAL A 10 -5.80 -3.49 5.83
CA VAL A 10 -6.51 -3.52 4.53
C VAL A 10 -6.65 -4.87 3.81
N IML A 11 -5.60 -5.68 3.38
CA IML A 11 -4.12 -5.39 3.55
C IML A 11 -3.32 -5.17 2.23
O IML A 11 -3.32 -6.00 1.34
CB IML A 11 -3.36 -6.49 4.40
CN IML A 11 -5.89 -6.93 2.65
CG2 IML A 11 -1.87 -6.09 4.64
CG1 IML A 11 -4.08 -6.75 5.73
CD1 IML A 11 -3.49 -7.87 6.61
HA IML A 11 -4.02 -4.47 4.14
HB IML A 11 -3.36 -7.42 3.83
HN1 IML A 11 -4.99 -7.50 2.40
HN2 IML A 11 -6.54 -7.57 3.25
HN3 IML A 11 -6.41 -6.69 1.72
HG21 IML A 11 -1.81 -5.15 5.19
HG22 IML A 11 -1.35 -6.87 5.21
HG23 IML A 11 -1.34 -5.96 3.70
HG12 IML A 11 -4.08 -5.80 6.28
HG13 IML A 11 -5.13 -6.99 5.53
HD11 IML A 11 -4.14 -8.06 7.46
HD12 IML A 11 -3.38 -8.81 6.04
HD13 IML A 11 -2.50 -7.60 7.00
N SAR A 12 -2.55 -4.03 2.01
CA SAR A 12 -1.72 -3.91 0.77
C SAR A 12 -2.42 -3.41 -0.53
O SAR A 12 -1.79 -2.98 -1.47
CN SAR A 12 -2.47 -2.83 2.86
HA2 SAR A 12 -1.32 -4.90 0.53
HA3 SAR A 12 -0.86 -3.26 0.94
HN1 SAR A 12 -1.48 -2.33 2.74
HN2 SAR A 12 -2.56 -3.06 3.93
HN3 SAR A 12 -3.23 -2.10 2.58
N TRP A 1 -3.71 -3.50 -0.64
CA TRP A 1 -4.42 -2.92 -1.80
C TRP A 1 -5.53 -1.94 -1.39
N MVA A 2 -5.88 -0.84 -2.17
CN MVA A 2 -6.88 0.15 -1.70
CA MVA A 2 -5.28 -0.49 -3.50
CB MVA A 2 -6.32 -0.25 -4.64
CG1 MVA A 2 -5.61 -0.08 -6.01
CG2 MVA A 2 -7.34 -1.42 -4.75
C MVA A 2 -4.22 0.64 -3.41
O MVA A 2 -4.51 1.83 -3.54
HN1 MVA A 2 -6.79 1.11 -2.23
HN2 MVA A 2 -7.90 -0.23 -1.83
HN3 MVA A 2 -6.72 0.37 -0.64
HA MVA A 2 -4.71 -1.36 -3.86
HB MVA A 2 -6.87 0.67 -4.43
HG11 MVA A 2 -5.00 -0.96 -6.24
HG12 MVA A 2 -6.34 0.07 -6.81
HG13 MVA A 2 -4.94 0.79 -6.00
HG21 MVA A 2 -8.07 -1.23 -5.55
HG22 MVA A 2 -6.84 -2.36 -5.00
HG23 MVA A 2 -7.91 -1.56 -3.82
N ILE A 3 -2.96 0.23 -3.19
CA ILE A 3 -1.76 1.06 -3.02
C ILE A 3 -2.01 2.16 -1.95
N MVA A 4 -2.24 1.82 -0.62
CN MVA A 4 -2.34 0.41 -0.16
CA MVA A 4 -2.57 2.89 0.40
CB MVA A 4 -3.60 2.52 1.53
CG1 MVA A 4 -2.99 1.89 2.81
CG2 MVA A 4 -4.43 3.77 1.93
C MVA A 4 -1.47 3.94 0.80
O MVA A 4 -1.71 5.14 0.75
HN1 MVA A 4 -1.81 -0.28 -0.82
HN2 MVA A 4 -1.90 0.26 0.83
HN3 MVA A 4 -3.40 0.10 -0.12
HA MVA A 4 -3.17 3.58 -0.21
HB MVA A 4 -4.32 1.82 1.11
HG11 MVA A 4 -2.18 2.50 3.22
HG12 MVA A 4 -3.77 1.82 3.58
HG13 MVA A 4 -2.62 0.88 2.64
HG21 MVA A 4 -3.81 4.53 2.41
HG22 MVA A 4 -4.93 4.21 1.06
HG23 MVA A 4 -5.22 3.49 2.64
N MVA A 5 -0.20 3.57 1.22
CN MVA A 5 0.19 2.16 1.27
CA MVA A 5 0.93 4.53 1.50
CB MVA A 5 1.12 4.81 3.04
CG1 MVA A 5 2.01 6.05 3.27
CG2 MVA A 5 -0.22 5.04 3.78
C MVA A 5 2.27 4.16 0.77
O MVA A 5 3.30 3.89 1.37
HN1 MVA A 5 1.12 1.98 1.81
HN2 MVA A 5 -0.62 1.59 1.75
HN3 MVA A 5 0.27 1.79 0.23
HA MVA A 5 0.67 5.50 1.07
HB MVA A 5 1.60 3.93 3.48
HG11 MVA A 5 3.02 5.93 2.85
HG12 MVA A 5 1.56 6.95 2.83
HG13 MVA A 5 2.14 6.24 4.35
HG21 MVA A 5 -0.84 4.14 3.77
HG22 MVA A 5 -0.03 5.29 4.83
HG23 MVA A 5 -0.79 5.86 3.33
N SAR A 6 2.34 4.12 -0.63
CA SAR A 6 3.54 3.62 -1.38
C SAR A 6 3.84 2.11 -1.35
O SAR A 6 3.82 1.48 -0.30
CN SAR A 6 1.16 4.32 -1.50
HA2 SAR A 6 4.46 4.08 -0.99
HA3 SAR A 6 3.49 3.96 -2.42
HN1 SAR A 6 0.52 5.12 -1.13
HN2 SAR A 6 0.56 3.40 -1.54
HN3 SAR A 6 1.45 4.58 -2.53
N MVA A 7 4.16 1.42 -2.51
CN MVA A 7 4.09 2.01 -3.88
CA MVA A 7 4.88 0.09 -2.50
CB MVA A 7 6.36 0.24 -2.01
CG1 MVA A 7 7.05 1.46 -2.68
CG2 MVA A 7 6.58 0.33 -0.46
C MVA A 7 4.17 -1.20 -1.96
O MVA A 7 4.84 -2.13 -1.54
HN1 MVA A 7 4.07 1.24 -4.65
HN2 MVA A 7 3.15 2.58 -3.99
HN3 MVA A 7 4.93 2.69 -4.05
HA MVA A 7 5.03 -0.19 -3.55
HB MVA A 7 6.90 -0.65 -2.34
HG11 MVA A 7 8.12 1.48 -2.46
HG12 MVA A 7 6.90 1.39 -3.75
HG13 MVA A 7 6.61 2.40 -2.31
HG21 MVA A 7 6.31 1.31 -0.06
HG22 MVA A 7 6.00 -0.44 0.07
HG23 MVA A 7 7.64 0.17 -0.22
N IML A 8 2.79 -1.37 -1.90
CA IML A 8 2.12 -2.61 -1.38
C IML A 8 2.58 -3.07 0.06
O IML A 8 3.40 -3.94 0.25
CB IML A 8 2.14 -3.77 -2.41
CN IML A 8 1.79 -0.40 -2.39
CG2 IML A 8 1.03 -4.77 -1.99
CG1 IML A 8 1.94 -3.30 -3.88
CD1 IML A 8 1.95 -4.47 -4.89
HA IML A 8 1.06 -2.41 -1.26
HB IML A 8 3.12 -4.27 -2.34
HN1 IML A 8 1.67 0.42 -1.66
HN2 IML A 8 2.08 0.00 -3.36
HN3 IML A 8 0.81 -0.89 -2.50
HG21 IML A 8 1.04 -4.94 -0.91
HG22 IML A 8 0.04 -4.34 -2.21
HG23 IML A 8 1.13 -5.74 -2.50
HG12 IML A 8 1.00 -2.74 -3.98
HG13 IML A 8 2.75 -2.63 -4.16
HD11 IML A 8 2.01 -4.10 -5.91
HD12 IML A 8 2.81 -5.12 -4.69
HD13 IML A 8 1.03 -5.07 -4.79
N SAR A 9 2.01 -2.48 1.18
CA SAR A 9 2.33 -2.89 2.58
C SAR A 9 1.11 -3.54 3.29
O SAR A 9 0.70 -4.64 2.93
CN SAR A 9 0.95 -1.45 1.14
HA2 SAR A 9 2.68 -2.04 3.16
HA3 SAR A 9 3.12 -3.64 2.61
HN1 SAR A 9 1.30 -0.57 0.59
HN2 SAR A 9 0.64 -1.14 2.15
HN3 SAR A 9 0.07 -1.86 0.62
N VAL A 10 0.54 -2.87 4.29
CA VAL A 10 -0.68 -3.31 5.00
C VAL A 10 -1.56 -2.09 5.35
N IML A 11 -2.89 -1.95 4.93
CA IML A 11 -3.58 -2.97 4.06
C IML A 11 -2.97 -3.00 2.62
O IML A 11 -2.81 -1.97 1.98
CB IML A 11 -5.15 -2.97 4.07
CN IML A 11 -3.65 -0.72 5.20
CG2 IML A 11 -5.80 -3.76 2.89
CG1 IML A 11 -5.64 -3.54 5.42
CD1 IML A 11 -7.14 -3.30 5.71
HA IML A 11 -3.33 -3.94 4.50
HB IML A 11 -5.52 -1.94 3.94
HN1 IML A 11 -4.08 -0.33 4.27
HN2 IML A 11 -4.48 -0.94 5.90
HN3 IML A 11 -3.02 0.07 5.64
HG21 IML A 11 -5.47 -3.37 1.92
HG22 IML A 11 -5.54 -4.82 2.93
HG23 IML A 11 -6.88 -3.68 2.92
HG12 IML A 11 -5.42 -4.61 5.46
HG13 IML A 11 -5.07 -3.07 6.24
HD11 IML A 11 -7.78 -3.84 5.00
HD12 IML A 11 -7.41 -3.63 6.72
HD13 IML A 11 -7.38 -2.23 5.63
N SAR A 12 -2.60 -4.21 2.02
CA SAR A 12 -1.85 -4.27 0.73
C SAR A 12 -2.39 -3.44 -0.46
O SAR A 12 -1.66 -2.78 -1.17
CN SAR A 12 -2.61 -5.52 2.72
HA2 SAR A 12 -1.81 -5.30 0.36
HA3 SAR A 12 -0.82 -3.94 0.91
HN1 SAR A 12 -3.50 -5.63 3.36
HN2 SAR A 12 -1.72 -5.63 3.36
HN3 SAR A 12 -2.64 -6.35 2.01
N TRP A 1 -3.83 -3.80 -0.92
CA TRP A 1 -4.69 -3.24 -1.96
C TRP A 1 -5.59 -2.10 -1.41
N MVA A 2 -5.75 -0.88 -2.07
CN MVA A 2 -6.42 0.25 -1.36
CA MVA A 2 -4.95 -0.50 -3.30
CB MVA A 2 -5.63 0.55 -4.24
CG1 MVA A 2 -4.79 0.86 -5.50
CG2 MVA A 2 -7.03 0.10 -4.70
C MVA A 2 -3.48 -0.13 -2.96
O MVA A 2 -3.18 0.55 -1.99
HN1 MVA A 2 -6.95 0.92 -2.04
HN2 MVA A 2 -7.17 -0.12 -0.65
HN3 MVA A 2 -5.69 0.82 -0.79
HA MVA A 2 -4.89 -1.40 -3.92
HB MVA A 2 -5.74 1.49 -3.69
HG11 MVA A 2 -5.32 1.56 -6.16
HG12 MVA A 2 -3.83 1.35 -5.25
HG13 MVA A 2 -4.57 -0.04 -6.08
HG21 MVA A 2 -7.70 -0.15 -3.86
HG22 MVA A 2 -7.53 0.89 -5.28
HG23 MVA A 2 -6.97 -0.78 -5.35
N ILE A 3 -2.55 -0.59 -3.81
CA ILE A 3 -1.09 -0.50 -3.61
C ILE A 3 -0.59 0.96 -3.55
N MVA A 4 0.17 1.45 -2.48
CN MVA A 4 0.61 0.55 -1.41
CA MVA A 4 0.79 2.82 -2.37
CB MVA A 4 2.28 2.77 -2.84
CG1 MVA A 4 2.40 2.48 -4.37
CG2 MVA A 4 3.11 4.01 -2.43
C MVA A 4 -0.01 4.07 -2.90
O MVA A 4 0.40 4.77 -3.81
HN1 MVA A 4 1.18 1.09 -0.64
HN2 MVA A 4 -0.25 0.08 -0.92
HN3 MVA A 4 1.26 -0.23 -1.82
HA MVA A 4 0.86 3.06 -1.30
HB MVA A 4 2.75 1.92 -2.33
HG11 MVA A 4 3.45 2.40 -4.66
HG12 MVA A 4 1.92 1.52 -4.59
HG13 MVA A 4 1.91 3.24 -4.97
HG21 MVA A 4 4.18 3.84 -2.62
HG22 MVA A 4 2.80 4.92 -2.97
HG23 MVA A 4 2.99 4.21 -1.36
N MVA A 5 -1.24 4.43 -2.36
CN MVA A 5 -1.95 3.56 -1.42
CA MVA A 5 -2.11 5.50 -2.97
CB MVA A 5 -2.91 4.86 -4.14
CG1 MVA A 5 -4.29 4.25 -3.79
CG2 MVA A 5 -3.06 5.85 -5.32
C MVA A 5 -2.87 6.42 -1.95
O MVA A 5 -4.08 6.46 -1.86
HN1 MVA A 5 -1.27 3.10 -0.69
HN2 MVA A 5 -2.74 4.09 -0.87
HN3 MVA A 5 -2.43 2.78 -2.02
HA MVA A 5 -1.43 6.23 -3.45
HB MVA A 5 -2.29 4.02 -4.50
HG11 MVA A 5 -4.66 3.63 -4.62
HG12 MVA A 5 -4.25 3.60 -2.91
HG13 MVA A 5 -5.05 5.02 -3.61
HG21 MVA A 5 -3.55 5.37 -6.18
HG22 MVA A 5 -3.67 6.71 -5.03
HG23 MVA A 5 -2.08 6.21 -5.66
N SAR A 6 -2.16 7.23 -1.07
CA SAR A 6 -2.82 7.88 0.10
C SAR A 6 -3.08 6.95 1.31
O SAR A 6 -2.92 5.75 1.24
CN SAR A 6 -0.68 7.21 -0.94
HA2 SAR A 6 -3.82 8.25 -0.15
HA3 SAR A 6 -2.24 8.74 0.45
HN1 SAR A 6 -0.32 8.12 -0.43
HN2 SAR A 6 -0.19 7.19 -1.92
HN3 SAR A 6 -0.35 6.35 -0.37
N MVA A 7 -3.50 7.50 2.51
CN MVA A 7 -3.62 8.96 2.76
CA MVA A 7 -4.03 6.65 3.65
CB MVA A 7 -5.47 6.12 3.33
CG1 MVA A 7 -6.36 7.27 2.81
CG2 MVA A 7 -5.57 4.92 2.36
C MVA A 7 -3.06 5.59 4.31
O MVA A 7 -3.52 4.56 4.78
HN1 MVA A 7 -2.74 9.48 2.39
HN2 MVA A 7 -4.51 9.36 2.27
HN3 MVA A 7 -3.68 9.18 3.84
HA MVA A 7 -4.21 7.33 4.49
HB MVA A 7 -5.91 5.79 4.28
HG11 MVA A 7 -6.30 8.11 3.52
HG12 MVA A 7 -6.03 7.61 1.83
HG13 MVA A 7 -7.41 6.95 2.74
HG21 MVA A 7 -6.58 4.50 2.38
HG22 MVA A 7 -5.39 5.23 1.31
HG23 MVA A 7 -4.88 4.11 2.60
N IML A 8 -1.68 5.75 4.38
CA IML A 8 -0.74 4.77 5.01
C IML A 8 -0.92 3.26 4.63
O IML A 8 -1.44 2.45 5.38
CB IML A 8 -0.60 4.98 6.56
CN IML A 8 -0.94 6.93 3.88
CG2 IML A 8 0.80 4.44 6.95
CG1 IML A 8 -0.78 6.45 7.04
CD1 IML A 8 -0.74 6.62 8.57
HA IML A 8 0.26 4.98 4.62
HB IML A 8 -1.37 4.38 7.05
HN1 IML A 8 0.07 6.97 4.31
HN2 IML A 8 -0.82 6.89 2.78
HN3 IML A 8 -1.44 7.87 4.16
HG21 IML A 8 0.93 3.42 6.57
HG22 IML A 8 1.60 5.03 6.47
HG23 IML A 8 0.96 4.42 8.03
HG12 IML A 8 -0.02 7.11 6.60
HG13 IML A 8 -1.76 6.84 6.71
HD11 IML A 8 -1.45 5.96 9.08
HD12 IML A 8 0.27 6.41 8.96
HD13 IML A 8 -0.99 7.64 8.84
N SAR A 9 -0.48 2.80 3.40
CA SAR A 9 -0.55 1.34 3.02
C SAR A 9 0.79 0.58 3.08
O SAR A 9 1.26 0.21 4.15
CN SAR A 9 0.20 3.66 2.41
HA2 SAR A 9 -1.00 1.24 2.02
HA3 SAR A 9 -1.21 0.80 3.69
HN1 SAR A 9 1.13 4.05 2.85
HN2 SAR A 9 -0.46 4.50 2.16
HN3 SAR A 9 0.44 3.12 1.49
N VAL A 10 1.43 0.34 1.92
CA VAL A 10 2.72 -0.35 1.72
C VAL A 10 2.83 -1.76 2.34
N IML A 11 2.42 -2.91 1.66
CA IML A 11 1.79 -2.97 0.29
C IML A 11 0.42 -3.71 0.21
O IML A 11 0.22 -4.64 -0.55
CB IML A 11 2.80 -3.40 -0.85
CN IML A 11 2.51 -4.22 2.34
CG2 IML A 11 3.88 -2.30 -1.10
CG1 IML A 11 3.44 -4.79 -0.65
CD1 IML A 11 4.18 -5.33 -1.89
HA IML A 11 1.48 -1.95 0.03
HB IML A 11 2.20 -3.45 -1.77
HN1 IML A 11 1.94 -4.19 3.28
HN2 IML A 11 2.11 -5.05 1.74
HN3 IML A 11 3.55 -4.45 2.59
HG21 IML A 11 4.54 -2.20 -0.23
HG22 IML A 11 4.50 -2.55 -1.96
HG23 IML A 11 3.42 -1.33 -1.30
HG12 IML A 11 4.15 -4.77 0.19
HG13 IML A 11 2.66 -5.53 -0.39
HD11 IML A 11 5.08 -4.73 -2.10
HD12 IML A 11 4.50 -6.36 -1.74
HD13 IML A 11 3.54 -5.30 -2.78
N SAR A 12 -0.65 -3.34 1.01
CA SAR A 12 -2.04 -3.88 0.77
C SAR A 12 -2.79 -3.16 -0.37
O SAR A 12 -2.47 -2.05 -0.77
CN SAR A 12 -0.63 -2.15 1.89
HA2 SAR A 12 -2.66 -3.78 1.67
HA3 SAR A 12 -2.00 -4.95 0.54
HN1 SAR A 12 -1.53 -2.09 2.51
HN2 SAR A 12 -0.56 -1.24 1.29
HN3 SAR A 12 0.23 -2.17 2.57
N TRP A 1 -3.92 -3.61 -0.30
CA TRP A 1 -4.74 -3.43 -1.50
C TRP A 1 -5.71 -2.23 -1.42
N MVA A 2 -5.54 -1.06 -2.17
CN MVA A 2 -6.52 0.06 -2.08
CA MVA A 2 -4.38 -0.76 -3.09
CB MVA A 2 -4.77 -0.77 -4.60
CG1 MVA A 2 -3.49 -0.67 -5.46
CG2 MVA A 2 -5.55 -2.05 -4.99
C MVA A 2 -3.59 0.51 -2.67
O MVA A 2 -3.84 1.64 -3.08
HN1 MVA A 2 -7.53 -0.33 -2.23
HN2 MVA A 2 -6.46 0.53 -1.09
HN3 MVA A 2 -6.34 0.82 -2.84
HA MVA A 2 -3.63 -1.55 -2.99
HB MVA A 2 -5.40 0.11 -4.82
HG11 MVA A 2 -2.77 -1.46 -5.22
HG12 MVA A 2 -3.74 -0.73 -6.53
HG13 MVA A 2 -2.98 0.30 -5.31
HG21 MVA A 2 -5.81 -2.04 -6.05
HG22 MVA A 2 -4.97 -2.95 -4.78
HG23 MVA A 2 -6.49 -2.14 -4.44
N ILE A 3 -2.58 0.28 -1.82
CA ILE A 3 -1.69 1.26 -1.20
C ILE A 3 -0.24 0.72 -1.29
N MVA A 4 0.45 0.69 -2.49
CN MVA A 4 -0.21 1.03 -3.77
CA MVA A 4 1.72 -0.09 -2.63
CB MVA A 4 1.35 -1.60 -2.77
CG1 MVA A 4 1.01 -2.07 -4.21
CG2 MVA A 4 2.45 -2.49 -2.16
C MVA A 4 2.78 0.42 -3.68
O MVA A 4 3.17 -0.28 -4.61
HN1 MVA A 4 -0.86 1.90 -3.65
HN2 MVA A 4 0.51 1.24 -4.56
HN3 MVA A 4 -0.82 0.16 -4.06
HA MVA A 4 2.27 0.00 -1.69
HB MVA A 4 0.43 -1.75 -2.19
HG11 MVA A 4 0.23 -2.84 -4.18
HG12 MVA A 4 0.68 -1.22 -4.83
HG13 MVA A 4 1.90 -2.49 -4.69
HG21 MVA A 4 2.59 -2.29 -1.09
HG22 MVA A 4 2.18 -3.55 -2.28
HG23 MVA A 4 3.41 -2.33 -2.66
N MVA A 5 3.32 1.69 -3.60
CN MVA A 5 2.93 2.67 -2.58
CA MVA A 5 4.16 2.26 -4.70
CB MVA A 5 3.27 3.12 -5.67
CG1 MVA A 5 3.09 4.62 -5.28
CG2 MVA A 5 3.76 3.02 -7.13
C MVA A 5 5.55 2.81 -4.24
O MVA A 5 5.81 3.99 -4.12
HN1 MVA A 5 2.79 2.20 -1.61
HN2 MVA A 5 3.70 3.45 -2.47
HN3 MVA A 5 1.99 3.15 -2.89
HA MVA A 5 4.47 1.44 -5.36
HB MVA A 5 2.29 2.64 -5.60
HG11 MVA A 5 4.02 5.18 -5.44
HG12 MVA A 5 2.31 5.08 -5.92
HG13 MVA A 5 2.79 4.76 -4.24
HG21 MVA A 5 3.75 1.97 -7.46
HG22 MVA A 5 3.09 3.58 -7.79
HG23 MVA A 5 4.77 3.41 -7.25
N SAR A 6 6.57 1.90 -3.94
CA SAR A 6 7.87 2.28 -3.29
C SAR A 6 8.05 1.74 -1.87
O SAR A 6 8.71 0.74 -1.67
CN SAR A 6 6.42 0.43 -4.00
HA2 SAR A 6 8.04 3.36 -3.20
HA3 SAR A 6 8.71 1.89 -3.88
HN1 SAR A 6 6.00 0.12 -4.97
HN2 SAR A 6 5.77 0.07 -3.20
HN3 SAR A 6 7.39 -0.08 -3.92
N MVA A 7 7.45 2.39 -0.79
CN MVA A 7 6.63 3.62 -0.93
CA MVA A 7 7.73 1.99 0.63
CB MVA A 7 8.87 2.88 1.23
CG1 MVA A 7 10.10 2.87 0.30
CG2 MVA A 7 8.49 4.35 1.56
C MVA A 7 6.49 1.77 1.57
O MVA A 7 6.47 2.21 2.71
HN1 MVA A 7 6.27 3.99 0.03
HN2 MVA A 7 7.21 4.42 -1.41
HN3 MVA A 7 5.76 3.41 -1.57
HA MVA A 7 8.17 0.99 0.60
HB MVA A 7 9.19 2.41 2.17
HG11 MVA A 7 9.88 3.33 -0.67
HG12 MVA A 7 10.95 3.39 0.73
HG13 MVA A 7 10.39 1.82 0.11
HG21 MVA A 7 8.34 4.96 0.67
HG22 MVA A 7 7.58 4.42 2.17
HG23 MVA A 7 9.30 4.82 2.14
N IML A 8 5.36 1.04 1.16
CA IML A 8 4.11 0.92 1.99
C IML A 8 3.60 -0.54 2.24
O IML A 8 2.76 -1.06 1.52
CB IML A 8 2.96 1.88 1.55
CN IML A 8 5.18 0.48 -0.19
CG2 IML A 8 1.83 1.86 2.62
CG1 IML A 8 3.46 3.33 1.28
CD1 IML A 8 2.37 4.33 0.82
HA IML A 8 4.37 1.25 3.01
HB IML A 8 2.55 1.50 0.60
HN1 IML A 8 4.31 -0.20 -0.22
HN2 IML A 8 4.99 1.28 -0.91
HN3 IML A 8 6.06 -0.09 -0.49
HG21 IML A 8 1.39 0.86 2.68
HG22 IML A 8 2.21 2.14 3.61
HG23 IML A 8 1.01 2.54 2.35
HG12 IML A 8 3.96 3.73 2.17
HG13 IML A 8 4.23 3.29 0.50
HD11 IML A 8 1.80 3.91 -0.02
HD12 IML A 8 1.68 4.58 1.63
HD13 IML A 8 2.84 5.27 0.49
N SAR A 9 4.09 -1.31 3.28
CA SAR A 9 3.52 -2.66 3.63
C SAR A 9 4.02 -3.86 2.81
O SAR A 9 4.64 -4.76 3.35
CN SAR A 9 5.21 -0.91 4.14
HA2 SAR A 9 2.44 -2.64 3.54
HA3 SAR A 9 3.73 -2.90 4.68
HN1 SAR A 9 5.61 -1.76 4.71
HN2 SAR A 9 4.89 -0.14 4.86
HN3 SAR A 9 6.02 -0.49 3.53
N VAL A 10 3.74 -3.84 1.50
CA VAL A 10 3.90 -4.97 0.55
C VAL A 10 3.11 -6.23 1.00
N IML A 11 1.85 -6.56 0.53
CA IML A 11 1.06 -5.85 -0.53
C IML A 11 -0.37 -5.34 -0.13
O IML A 11 -1.39 -5.84 -0.54
CB IML A 11 1.08 -6.58 -1.94
CN IML A 11 1.16 -7.75 1.09
CG2 IML A 11 2.51 -6.64 -2.52
CG1 IML A 11 0.42 -7.99 -1.98
CD1 IML A 11 0.21 -8.54 -3.42
HA IML A 11 1.55 -4.88 -0.71
HB IML A 11 0.50 -5.94 -2.61
HN1 IML A 11 1.68 -8.66 0.78
HN2 IML A 11 1.15 -7.69 2.18
HN3 IML A 11 0.10 -7.82 0.75
HG21 IML A 11 3.12 -7.36 -1.97
HG22 IML A 11 2.50 -6.94 -3.58
HG23 IML A 11 3.00 -5.65 -2.46
HG12 IML A 11 1.06 -8.72 -1.47
HG13 IML A 11 -0.55 -7.99 -1.47
HD11 IML A 11 1.15 -8.74 -3.93
HD12 IML A 11 -0.36 -9.48 -3.39
HD13 IML A 11 -0.37 -7.81 -4.02
N SAR A 12 -0.52 -4.26 0.74
CA SAR A 12 -1.87 -3.66 1.05
C SAR A 12 -2.66 -3.19 -0.20
O SAR A 12 -2.15 -2.47 -1.05
CN SAR A 12 0.62 -3.55 1.36
HA2 SAR A 12 -1.79 -2.79 1.72
HA3 SAR A 12 -2.47 -4.41 1.56
HN1 SAR A 12 1.20 -3.01 0.59
HN2 SAR A 12 1.30 -4.27 1.85
HN3 SAR A 12 0.30 -2.83 2.12
N TRP A 1 -3.61 -3.45 -0.47
CA TRP A 1 -4.61 -3.29 -1.54
C TRP A 1 -5.62 -2.15 -1.24
N MVA A 2 -5.71 -1.00 -2.01
CN MVA A 2 -6.67 0.08 -1.62
CA MVA A 2 -4.83 -0.62 -3.17
CB MVA A 2 -5.57 -0.15 -4.45
CG1 MVA A 2 -4.56 -0.01 -5.62
CG2 MVA A 2 -6.70 -1.13 -4.88
C MVA A 2 -3.69 0.34 -2.74
O MVA A 2 -3.72 1.55 -2.90
HN1 MVA A 2 -7.69 -0.20 -1.95
HN2 MVA A 2 -6.67 0.21 -0.55
HN3 MVA A 2 -6.42 1.04 -2.08
HA MVA A 2 -4.30 -1.51 -3.53
HB MVA A 2 -6.03 0.83 -4.28
HG11 MVA A 2 -5.05 0.27 -6.55
HG12 MVA A 2 -3.80 0.76 -5.41
HG13 MVA A 2 -4.03 -0.96 -5.76
HG21 MVA A 2 -7.47 -1.22 -4.10
HG22 MVA A 2 -7.19 -0.80 -5.80
HG23 MVA A 2 -6.28 -2.14 -5.05
N ILE A 3 -2.67 -0.30 -2.15
CA ILE A 3 -1.52 0.29 -1.44
C ILE A 3 -1.96 1.51 -0.60
N MVA A 4 -2.88 1.38 0.44
CN MVA A 4 -3.51 0.08 0.79
CA MVA A 4 -3.39 2.61 1.15
CB MVA A 4 -4.92 2.66 1.53
CG1 MVA A 4 -5.32 1.99 2.86
CG2 MVA A 4 -5.44 4.12 1.54
C MVA A 4 -2.40 3.42 2.06
O MVA A 4 -2.18 4.60 1.86
HN1 MVA A 4 -3.57 -0.08 1.88
HN2 MVA A 4 -4.52 0.02 0.37
HN3 MVA A 4 -2.93 -0.76 0.40
HA MVA A 4 -3.41 3.34 0.33
HB MVA A 4 -5.47 2.15 0.72
HG11 MVA A 4 -5.16 0.90 2.82
HG12 MVA A 4 -4.77 2.40 3.70
HG13 MVA A 4 -6.39 2.13 3.06
HG21 MVA A 4 -4.95 4.70 2.33
HG22 MVA A 4 -5.24 4.62 0.58
HG23 MVA A 4 -6.52 4.15 1.71
N MVA A 5 -1.74 2.83 3.13
CN MVA A 5 -1.92 1.40 3.43
CA MVA A 5 -0.67 3.50 3.96
CB MVA A 5 -1.27 4.03 5.32
CG1 MVA A 5 -0.26 4.97 6.05
CG2 MVA A 5 -2.60 4.80 5.14
C MVA A 5 0.58 2.60 4.15
O MVA A 5 0.93 2.20 5.25
HN1 MVA A 5 -2.98 1.16 3.32
HN2 MVA A 5 -1.36 0.81 2.69
HN3 MVA A 5 -1.61 1.14 4.44
HA MVA A 5 -0.30 4.38 3.43
HB MVA A 5 -1.47 3.16 5.95
HG11 MVA A 5 -0.69 5.32 7.00
HG12 MVA A 5 0.68 4.45 6.31
HG13 MVA A 5 -0.02 5.86 5.45
HG21 MVA A 5 -2.94 5.22 6.09
HG22 MVA A 5 -2.47 5.63 4.45
HG23 MVA A 5 -3.39 4.15 4.76
N SAR A 6 1.37 2.19 3.06
CA SAR A 6 2.39 1.09 3.17
C SAR A 6 1.85 -0.30 3.58
O SAR A 6 1.12 -0.91 2.81
CN SAR A 6 1.03 2.53 1.66
HA2 SAR A 6 3.22 1.29 3.86
HA3 SAR A 6 2.88 0.92 2.20
HN1 SAR A 6 0.28 1.83 1.26
HN2 SAR A 6 1.91 2.48 1.01
HN3 SAR A 6 0.62 3.54 1.58
N MVA A 7 2.16 -0.88 4.80
CN MVA A 7 3.00 -0.22 5.85
CA MVA A 7 1.89 -2.33 5.09
CB MVA A 7 3.18 -3.18 4.76
CG1 MVA A 7 3.73 -2.78 3.37
CG2 MVA A 7 4.34 -3.13 5.80
C MVA A 7 1.16 -2.68 6.42
O MVA A 7 1.56 -3.54 7.18
HN1 MVA A 7 3.10 -0.86 6.74
HN2 MVA A 7 4.01 -0.02 5.47
HN3 MVA A 7 2.56 0.73 6.17
HA MVA A 7 1.18 -2.70 4.33
HB MVA A 7 2.86 -4.22 4.72
HG11 MVA A 7 4.57 -3.42 3.07
HG12 MVA A 7 2.93 -2.87 2.63
HG13 MVA A 7 4.06 -1.74 3.35
HG21 MVA A 7 4.87 -2.17 5.79
HG22 MVA A 7 4.00 -3.32 6.84
HG23 MVA A 7 5.09 -3.90 5.57
N IML A 8 -0.01 -2.00 6.82
CA IML A 8 -0.65 -2.16 8.16
C IML A 8 -2.11 -2.73 8.16
O IML A 8 -3.09 -2.02 8.00
CB IML A 8 -0.53 -0.87 9.06
CN IML A 8 -0.61 -0.90 6.04
CG2 IML A 8 -1.10 -1.12 10.49
CG1 IML A 8 0.95 -0.39 9.15
CD1 IML A 8 1.13 0.90 9.96
HA IML A 8 -0.07 -2.90 8.72
HB IML A 8 -1.12 -0.07 8.60
HN1 IML A 8 -0.03 0.01 6.21
HN2 IML A 8 -0.62 -1.14 4.97
HN3 IML A 8 -1.63 -0.71 6.37
HG21 IML A 8 -2.14 -1.47 10.46
HG22 IML A 8 -0.50 -1.89 11.01
HG23 IML A 8 -1.09 -0.20 11.08
HG12 IML A 8 1.59 -1.18 9.56
HG13 IML A 8 1.33 -0.18 8.14
HD11 IML A 8 2.14 1.32 9.81
HD12 IML A 8 0.40 1.65 9.63
HD13 IML A 8 1.01 0.72 11.04
N SAR A 9 -2.36 -4.09 8.33
CA SAR A 9 -3.74 -4.64 8.50
C SAR A 9 -4.58 -4.97 7.24
O SAR A 9 -5.22 -6.00 7.16
CN SAR A 9 -1.30 -5.10 8.43
HA2 SAR A 9 -4.36 -3.91 9.04
HA3 SAR A 9 -3.73 -5.55 9.13
HN1 SAR A 9 -1.72 -6.12 8.47
HN2 SAR A 9 -0.70 -4.95 9.34
HN3 SAR A 9 -0.64 -5.03 7.56
N VAL A 10 -4.53 -4.06 6.27
CA VAL A 10 -5.36 -4.02 5.04
C VAL A 10 -5.49 -5.34 4.27
N IML A 11 -4.44 -6.01 3.64
CA IML A 11 -2.99 -5.58 3.56
C IML A 11 -2.55 -5.12 2.14
O IML A 11 -2.71 -5.83 1.16
CB IML A 11 -1.97 -6.65 4.09
CN IML A 11 -4.72 -7.29 2.93
CG2 IML A 11 -0.51 -6.10 4.07
CG1 IML A 11 -2.36 -7.07 5.54
CD1 IML A 11 -1.47 -8.18 6.15
HA IML A 11 -2.87 -4.73 4.23
HB IML A 11 -1.99 -7.54 3.46
HN1 IML A 11 -5.54 -7.14 2.21
HN2 IML A 11 -3.86 -7.67 2.36
HN3 IML A 11 -5.04 -8.05 3.63
HG21 IML A 11 0.21 -6.86 4.40
HG22 IML A 11 -0.20 -5.82 3.06
HG23 IML A 11 -0.41 -5.23 4.73
HG12 IML A 11 -2.33 -6.17 6.16
HG13 IML A 11 -3.40 -7.44 5.53
HD11 IML A 11 -0.46 -7.83 6.36
HD12 IML A 11 -1.90 -8.52 7.10
HD13 IML A 11 -1.42 -9.06 5.49
N SAR A 12 -1.95 -3.88 1.89
CA SAR A 12 -1.35 -3.59 0.56
C SAR A 12 -2.28 -3.36 -0.65
O SAR A 12 -1.83 -3.09 -1.76
CN SAR A 12 -1.52 -2.91 2.91
HA2 SAR A 12 -0.69 -4.42 0.29
HA3 SAR A 12 -0.70 -2.69 0.61
HN1 SAR A 12 -1.59 -1.89 2.52
HN2 SAR A 12 -0.48 -3.10 3.19
HN3 SAR A 12 -2.14 -2.95 3.81
N TRP A 1 -3.92 -3.70 -0.41
CA TRP A 1 -4.78 -3.50 -1.58
C TRP A 1 -5.67 -2.25 -1.38
N MVA A 2 -5.47 -1.05 -2.06
CN MVA A 2 -6.36 0.12 -1.82
CA MVA A 2 -4.36 -0.77 -3.04
CB MVA A 2 -4.88 -0.80 -4.51
CG1 MVA A 2 -3.69 -0.68 -5.50
CG2 MVA A 2 -5.69 -2.08 -4.83
C MVA A 2 -3.51 0.50 -2.73
O MVA A 2 -3.87 1.63 -3.02
HN1 MVA A 2 -7.40 -0.19 -1.71
HN2 MVA A 2 -6.06 0.65 -0.90
HN3 MVA A 2 -6.32 0.84 -2.64
HA MVA A 2 -3.61 -1.57 -2.99
HB MVA A 2 -5.53 0.07 -4.67
HG11 MVA A 2 -2.96 -1.49 -5.35
HG12 MVA A 2 -4.04 -0.73 -6.55
HG13 MVA A 2 -3.16 0.27 -5.37
HG21 MVA A 2 -6.02 -2.07 -5.89
HG22 MVA A 2 -5.08 -2.97 -4.68
HG23 MVA A 2 -6.60 -2.14 -4.23
N ILE A 3 -2.34 0.27 -2.13
CA ILE A 3 -1.25 1.23 -1.90
C ILE A 3 -0.28 1.25 -3.10
N MVA A 4 -0.34 2.18 -4.12
CN MVA A 4 -1.45 3.13 -4.28
CA MVA A 4 0.51 2.02 -5.37
CB MVA A 4 -0.19 0.94 -6.27
CG1 MVA A 4 -1.28 1.47 -7.24
CG2 MVA A 4 0.86 0.09 -7.03
C MVA A 4 0.93 3.35 -6.11
O MVA A 4 0.59 3.60 -7.26
HN1 MVA A 4 -1.76 3.56 -3.31
HN2 MVA A 4 -1.20 3.96 -4.94
HN3 MVA A 4 -2.31 2.59 -4.70
HA MVA A 4 1.47 1.61 -5.07
HB MVA A 4 -0.71 0.27 -5.59
HG11 MVA A 4 -1.84 2.31 -6.80
HG12 MVA A 4 -0.85 1.83 -8.18
HG13 MVA A 4 -1.99 0.68 -7.48
HG21 MVA A 4 0.36 -0.69 -7.61
HG22 MVA A 4 1.44 0.71 -7.72
HG23 MVA A 4 1.56 -0.39 -6.34
N MVA A 5 1.73 4.31 -5.49
CN MVA A 5 2.18 4.21 -4.09
CA MVA A 5 1.90 5.69 -6.09
CB MVA A 5 0.76 6.61 -5.54
CG1 MVA A 5 1.06 7.38 -4.23
CG2 MVA A 5 0.28 7.60 -6.62
C MVA A 5 3.36 6.24 -6.17
O MVA A 5 3.76 7.18 -5.50
HN1 MVA A 5 3.05 4.85 -3.91
HN2 MVA A 5 1.36 4.53 -3.44
HN3 MVA A 5 2.47 3.18 -3.83
HA MVA A 5 1.67 5.62 -7.16
HB MVA A 5 -0.07 5.93 -5.33
HG11 MVA A 5 1.53 6.74 -3.46
HG12 MVA A 5 1.72 8.23 -4.41
HG13 MVA A 5 0.14 7.78 -3.80
HG21 MVA A 5 -0.58 8.19 -6.25
HG22 MVA A 5 1.07 8.30 -6.91
HG23 MVA A 5 -0.06 7.07 -7.52
N SAR A 6 4.28 5.66 -7.04
CA SAR A 6 5.71 6.06 -7.16
C SAR A 6 6.74 5.02 -6.66
O SAR A 6 7.21 4.21 -7.44
CN SAR A 6 3.97 4.47 -7.88
HA2 SAR A 6 5.97 6.99 -6.63
HA3 SAR A 6 5.95 6.25 -8.21
HN1 SAR A 6 3.03 4.62 -8.43
HN2 SAR A 6 3.87 3.57 -7.26
HN3 SAR A 6 4.76 4.28 -8.62
N MVA A 7 7.14 5.01 -5.32
CN MVA A 7 6.62 5.97 -4.33
CA MVA A 7 8.32 4.17 -4.87
CB MVA A 7 9.59 5.03 -4.52
CG1 MVA A 7 9.82 6.09 -5.63
CG2 MVA A 7 9.67 5.65 -3.11
C MVA A 7 8.09 2.83 -4.08
O MVA A 7 8.66 1.84 -4.51
HN1 MVA A 7 5.54 5.83 -4.21
HN2 MVA A 7 7.08 5.82 -3.35
HN3 MVA A 7 6.82 7.00 -4.63
HA MVA A 7 8.70 3.72 -5.80
HB MVA A 7 10.44 4.33 -4.58
HG11 MVA A 7 9.92 5.60 -6.60
HG12 MVA A 7 8.98 6.79 -5.71
HG13 MVA A 7 10.73 6.67 -5.43
HG21 MVA A 7 9.39 4.94 -2.32
HG22 MVA A 7 10.69 5.98 -2.90
HG23 MVA A 7 9.04 6.55 -3.02
N IML A 8 7.29 2.64 -2.95
CA IML A 8 7.12 1.31 -2.29
C IML A 8 5.63 0.88 -2.08
O IML A 8 5.05 1.06 -1.02
CB IML A 8 7.97 1.19 -0.98
CN IML A 8 6.54 3.68 -2.21
CG2 IML A 8 8.07 -0.30 -0.58
CG1 IML A 8 9.36 1.87 -1.10
CD1 IML A 8 10.23 1.77 0.17
HA IML A 8 7.52 0.55 -2.97
HB IML A 8 7.43 1.70 -0.17
HN1 IML A 8 6.14 3.26 -1.27
HN2 IML A 8 7.21 4.48 -1.91
HN3 IML A 8 5.69 4.05 -2.80
HG21 IML A 8 7.07 -0.74 -0.47
HG22 IML A 8 8.61 -0.87 -1.36
HG23 IML A 8 8.59 -0.44 0.37
HG12 IML A 8 9.91 1.46 -1.96
HG13 IML A 8 9.22 2.94 -1.31
HD11 IML A 8 9.68 2.12 1.06
HD12 IML A 8 10.56 0.73 0.35
HD13 IML A 8 11.14 2.38 0.07
N SAR A 9 4.91 0.28 -3.10
CA SAR A 9 3.49 -0.16 -2.93
C SAR A 9 3.26 -1.66 -2.63
O SAR A 9 4.19 -2.44 -2.47
CN SAR A 9 5.45 -0.11 -4.41
HA2 SAR A 9 2.94 0.08 -3.85
HA3 SAR A 9 3.00 0.38 -2.11
HN1 SAR A 9 6.29 -0.78 -4.28
HN2 SAR A 9 5.77 0.79 -4.96
HN3 SAR A 9 4.67 -0.62 -5.00
N VAL A 10 1.97 -2.00 -2.58
CA VAL A 10 1.31 -3.29 -2.24
C VAL A 10 2.26 -4.40 -1.74
N IML A 11 2.50 -4.74 -0.40
CA IML A 11 1.98 -4.14 0.90
C IML A 11 0.59 -3.43 0.92
O IML A 11 0.47 -2.21 1.00
CB IML A 11 3.04 -3.34 1.75
CN IML A 11 3.55 -5.75 -0.10
CG2 IML A 11 3.83 -4.21 2.75
CG1 IML A 11 4.00 -2.49 0.88
CD1 IML A 11 4.59 -1.29 1.65
HA IML A 11 1.75 -5.00 1.53
HB IML A 11 2.48 -2.64 2.39
HN1 IML A 11 3.39 -6.24 0.86
HN2 IML A 11 3.56 -6.55 -0.86
HN3 IML A 11 4.52 -5.25 -0.09
HG21 IML A 11 3.14 -4.85 3.34
HG22 IML A 11 4.55 -4.86 2.25
HG23 IML A 11 4.37 -3.60 3.47
HG12 IML A 11 4.81 -3.10 0.49
HG13 IML A 11 3.45 -2.12 0.01
HD11 IML A 11 5.25 -0.69 1.00
HD12 IML A 11 3.81 -0.63 2.04
HD13 IML A 11 5.20 -1.62 2.51
N SAR A 12 -0.60 -4.17 0.86
CA SAR A 12 -1.94 -3.55 1.02
C SAR A 12 -2.69 -3.19 -0.27
O SAR A 12 -2.21 -2.46 -1.13
CN SAR A 12 -0.64 -5.62 0.59
HA2 SAR A 12 -1.88 -2.62 1.61
HA3 SAR A 12 -2.59 -4.22 1.60
HN1 SAR A 12 -1.66 -5.97 0.43
HN2 SAR A 12 -0.21 -6.17 1.44
HN3 SAR A 12 -0.06 -5.86 -0.31
N TRP A 1 -3.71 -3.90 -0.80
CA TRP A 1 -4.72 -3.48 -1.77
C TRP A 1 -5.39 -2.27 -1.12
N MVA A 2 -5.38 -0.99 -1.66
CN MVA A 2 -5.68 0.18 -0.79
CA MVA A 2 -4.80 -0.57 -2.97
CB MVA A 2 -5.86 0.01 -3.96
CG1 MVA A 2 -5.24 0.20 -5.36
CG2 MVA A 2 -7.11 -0.90 -4.07
C MVA A 2 -3.56 0.34 -2.83
O MVA A 2 -3.63 1.55 -2.76
HN1 MVA A 2 -6.47 -0.03 -0.06
HN2 MVA A 2 -4.75 0.41 -0.25
HN3 MVA A 2 -5.97 1.06 -1.36
HA MVA A 2 -4.42 -1.46 -3.51
HB MVA A 2 -6.19 0.99 -3.59
HG11 MVA A 2 -5.99 0.59 -6.08
HG12 MVA A 2 -4.41 0.92 -5.34
HG13 MVA A 2 -4.85 -0.75 -5.76
HG21 MVA A 2 -7.66 -0.95 -3.12
HG22 MVA A 2 -7.81 -0.51 -4.83
HG23 MVA A 2 -6.84 -1.93 -4.36
N ILE A 3 -2.40 -0.33 -2.77
CA ILE A 3 -1.05 0.20 -2.54
C ILE A 3 -0.85 0.77 -1.11
N MVA A 4 0.30 0.50 -0.37
CN MVA A 4 1.32 -0.41 -0.89
CA MVA A 4 0.52 0.90 1.08
CB MVA A 4 0.36 -0.35 2.02
CG1 MVA A 4 1.55 -1.37 2.03
CG2 MVA A 4 -0.02 0.05 3.47
C MVA A 4 1.76 1.80 1.44
O MVA A 4 2.59 1.47 2.28
HN1 MVA A 4 1.55 -0.17 -1.94
HN2 MVA A 4 2.24 -0.36 -0.31
HN3 MVA A 4 0.90 -1.43 -0.84
HA MVA A 4 -0.31 1.56 1.34
HB MVA A 4 -0.50 -0.91 1.62
HG11 MVA A 4 1.54 -1.97 2.95
HG12 MVA A 4 1.46 -2.08 1.21
HG13 MVA A 4 2.53 -0.88 1.96
HG21 MVA A 4 -0.91 0.69 3.48
HG22 MVA A 4 -0.26 -0.84 4.07
HG23 MVA A 4 0.79 0.59 3.98
N MVA A 5 1.99 3.02 0.81
CN MVA A 5 1.16 3.49 -0.31
CA MVA A 5 3.24 3.83 1.00
CB MVA A 5 4.29 3.35 -0.07
CG1 MVA A 5 4.27 4.08 -1.44
CG2 MVA A 5 5.72 3.38 0.51
C MVA A 5 3.00 5.36 1.20
O MVA A 5 3.20 6.19 0.32
HN1 MVA A 5 0.09 3.27 -0.15
HN2 MVA A 5 1.25 4.57 -0.46
HN3 MVA A 5 1.51 2.96 -1.20
HA MVA A 5 3.69 3.53 1.96
HB MVA A 5 4.04 2.30 -0.27
HG11 MVA A 5 4.85 3.52 -2.18
HG12 MVA A 5 3.26 4.19 -1.84
HG13 MVA A 5 4.73 5.08 -1.38
HG21 MVA A 5 6.03 4.41 0.76
HG22 MVA A 5 5.79 2.78 1.43
HG23 MVA A 5 6.45 2.97 -0.19
N SAR A 6 2.51 5.84 2.41
CA SAR A 6 1.88 7.19 2.51
C SAR A 6 0.40 7.23 2.07
O SAR A 6 -0.13 6.28 1.52
CN SAR A 6 2.10 4.96 3.53
HA2 SAR A 6 2.36 7.94 1.87
HA3 SAR A 6 1.93 7.57 3.53
HN1 SAR A 6 1.19 4.42 3.28
HN2 SAR A 6 1.92 5.54 4.45
HN3 SAR A 6 2.88 4.22 3.76
N MVA A 7 -0.36 8.37 2.31
CN MVA A 7 0.13 9.54 3.08
CA MVA A 7 -1.72 8.57 1.71
CB MVA A 7 -1.61 8.91 0.18
CG1 MVA A 7 -0.55 10.01 -0.04
CG2 MVA A 7 -1.32 7.73 -0.79
C MVA A 7 -2.82 7.52 2.09
O MVA A 7 -3.67 7.16 1.28
HN1 MVA A 7 -0.70 10.16 3.42
HN2 MVA A 7 0.67 9.22 3.97
HN3 MVA A 7 0.81 10.16 2.48
HA MVA A 7 -2.14 9.49 2.13
HB MVA A 7 -2.58 9.32 -0.10
HG11 MVA A 7 -0.79 10.85 0.64
HG12 MVA A 7 0.46 9.64 0.19
HG13 MVA A 7 -0.57 10.37 -1.07
HG21 MVA A 7 -0.27 7.41 -0.74
HG22 MVA A 7 -1.95 6.86 -0.57
HG23 MVA A 7 -1.51 8.04 -1.82
N IML A 8 -2.91 6.94 3.36
CA IML A 8 -3.94 5.93 3.77
C IML A 8 -4.18 4.71 2.81
O IML A 8 -5.19 4.60 2.15
CB IML A 8 -5.26 6.57 4.29
CN IML A 8 -2.02 7.27 4.50
CG2 IML A 8 -5.87 5.57 5.29
CG1 IML A 8 -5.09 7.99 4.93
CD1 IML A 8 -6.43 8.67 5.31
HA IML A 8 -3.54 5.41 4.65
HB IML A 8 -5.94 6.69 3.43
HN1 IML A 8 -1.90 8.36 4.61
HN2 IML A 8 -2.44 6.91 5.45
HN3 IML A 8 -1.03 6.82 4.38
HG21 IML A 8 -6.01 4.60 4.80
HG22 IML A 8 -5.17 5.39 6.12
HG23 IML A 8 -6.85 5.89 5.67
HG12 IML A 8 -4.46 7.93 5.82
HG13 IML A 8 -4.58 8.66 4.23
HD11 IML A 8 -7.11 8.71 4.45
HD12 IML A 8 -6.94 8.12 6.11
HD13 IML A 8 -6.26 9.69 5.64
N SAR A 9 -3.22 3.70 2.72
CA SAR A 9 -3.46 2.44 1.94
C SAR A 9 -4.37 1.41 2.66
O SAR A 9 -5.53 1.22 2.33
CN SAR A 9 -1.97 3.72 3.50
HA2 SAR A 9 -2.52 1.94 1.70
HA3 SAR A 9 -3.96 2.67 0.99
HN1 SAR A 9 -2.19 3.59 4.57
HN2 SAR A 9 -1.45 4.68 3.37
HN3 SAR A 9 -1.25 2.95 3.19
N VAL A 10 -3.79 0.75 3.69
CA VAL A 10 -4.44 -0.14 4.68
C VAL A 10 -5.21 -1.36 4.10
N IML A 11 -4.61 -2.61 3.92
CA IML A 11 -3.18 -2.98 4.19
C IML A 11 -2.43 -3.65 2.96
O IML A 11 -1.89 -4.74 3.05
CB IML A 11 -2.95 -3.75 5.54
CN IML A 11 -5.43 -3.71 3.34
CG2 IML A 11 -3.25 -2.86 6.76
CG1 IML A 11 -3.73 -5.10 5.64
CD1 IML A 11 -3.23 -6.01 6.78
HA IML A 11 -2.60 -2.06 4.30
HB IML A 11 -1.88 -3.98 5.59
HN1 IML A 11 -6.24 -3.97 4.03
HN2 IML A 11 -5.87 -3.39 2.38
HN3 IML A 11 -4.85 -4.62 3.14
HG21 IML A 11 -2.97 -3.36 7.70
HG22 IML A 11 -2.67 -1.93 6.72
HG23 IML A 11 -4.31 -2.60 6.82
HG12 IML A 11 -4.80 -4.91 5.78
HG13 IML A 11 -3.63 -5.67 4.72
HD11 IML A 11 -3.41 -5.58 7.78
HD12 IML A 11 -3.77 -6.98 6.75
HD13 IML A 11 -2.16 -6.23 6.67
N SAR A 12 -2.36 -3.01 1.73
CA SAR A 12 -1.68 -3.61 0.53
C SAR A 12 -2.44 -3.46 -0.80
O SAR A 12 -1.93 -2.99 -1.81
CN SAR A 12 -2.99 -1.68 1.50
HA2 SAR A 12 -1.50 -4.69 0.66
HA3 SAR A 12 -0.71 -3.14 0.38
HN1 SAR A 12 -2.66 -1.21 0.56
HN2 SAR A 12 -2.71 -0.99 2.32
HN3 SAR A 12 -4.08 -1.73 1.51
N TRP A 1 -3.87 -3.61 -0.24
CA TRP A 1 -4.68 -3.43 -1.46
C TRP A 1 -5.65 -2.23 -1.36
N MVA A 2 -5.49 -1.07 -2.14
CN MVA A 2 -6.45 0.06 -2.03
CA MVA A 2 -4.35 -0.78 -3.08
CB MVA A 2 -4.71 -0.97 -4.57
CG1 MVA A 2 -3.40 -0.92 -5.41
CG2 MVA A 2 -5.47 -2.28 -4.88
C MVA A 2 -3.63 0.57 -2.81
O MVA A 2 -3.93 1.62 -3.36
HN1 MVA A 2 -6.43 0.69 -2.92
HN2 MVA A 2 -7.48 -0.34 -1.93
HN3 MVA A 2 -6.24 0.66 -1.16
HA MVA A 2 -3.55 -1.50 -2.88
HB MVA A 2 -5.35 -0.12 -4.88
HG11 MVA A 2 -3.60 -1.13 -6.46
HG12 MVA A 2 -2.92 0.06 -5.35
HG13 MVA A 2 -2.68 -1.66 -5.04
HG21 MVA A 2 -4.89 -3.15 -4.59
HG22 MVA A 2 -6.43 -2.30 -4.35
HG23 MVA A 2 -5.69 -2.35 -5.95
N ILE A 3 -2.66 0.49 -1.92
CA ILE A 3 -1.73 1.56 -1.55
C ILE A 3 -0.49 1.48 -2.46
N MVA A 4 -0.17 2.42 -3.42
CN MVA A 4 -1.11 3.47 -3.84
CA MVA A 4 1.01 2.21 -4.34
CB MVA A 4 0.57 1.25 -5.49
CG1 MVA A 4 -0.10 1.93 -6.70
CG2 MVA A 4 1.73 0.33 -5.96
C MVA A 4 1.85 3.47 -4.77
O MVA A 4 2.12 3.70 -5.94
HN1 MVA A 4 -0.61 4.23 -4.45
HN2 MVA A 4 -1.89 3.00 -4.46
HN3 MVA A 4 -1.57 3.97 -2.99
HA MVA A 4 1.76 1.66 -3.77
HB MVA A 4 -0.21 0.61 -5.07
HG11 MVA A 4 -0.75 2.76 -6.39
HG12 MVA A 4 0.65 2.34 -7.41
HG13 MVA A 4 -0.71 1.20 -7.25
HG21 MVA A 4 2.16 -0.22 -5.12
HG22 MVA A 4 1.37 -0.38 -6.71
HG23 MVA A 4 2.53 0.93 -6.41
N MVA A 5 2.31 4.39 -3.83
CN MVA A 5 1.99 4.32 -2.39
CA MVA A 5 2.96 5.70 -4.23
CB MVA A 5 1.83 6.79 -4.33
CG1 MVA A 5 1.49 7.59 -3.04
CG2 MVA A 5 2.11 7.76 -5.49
C MVA A 5 4.27 6.07 -3.46
O MVA A 5 4.37 7.04 -2.72
HN1 MVA A 5 0.98 4.74 -2.24
HN2 MVA A 5 1.99 3.28 -2.04
HN3 MVA A 5 2.71 4.88 -1.78
HA MVA A 5 3.34 5.59 -5.25
HB MVA A 5 0.92 6.23 -4.58
HG11 MVA A 5 2.25 8.35 -2.83
HG12 MVA A 5 0.53 8.11 -3.15
HG13 MVA A 5 1.41 6.94 -2.16
HG21 MVA A 5 1.30 8.48 -5.61
HG22 MVA A 5 3.04 8.33 -5.33
HG23 MVA A 5 2.23 7.22 -6.44
N SAR A 6 5.42 5.30 -3.60
CA SAR A 6 6.59 5.44 -2.67
C SAR A 6 6.38 4.84 -1.27
O SAR A 6 5.30 4.44 -0.88
CN SAR A 6 5.45 4.03 -4.35
HA2 SAR A 6 6.82 6.50 -2.45
HA3 SAR A 6 7.50 5.00 -3.11
HN1 SAR A 6 4.97 3.22 -3.77
HN2 SAR A 6 6.48 3.72 -4.58
HN3 SAR A 6 4.92 4.11 -5.31
N MVA A 7 7.46 4.73 -0.40
CN MVA A 7 8.87 5.03 -0.77
CA MVA A 7 7.31 4.40 1.05
CB MVA A 7 6.76 5.63 1.85
CG1 MVA A 7 7.58 6.91 1.50
CG2 MVA A 7 5.25 5.97 1.69
C MVA A 7 6.62 3.03 1.40
O MVA A 7 5.86 2.92 2.36
HN1 MVA A 7 9.09 4.64 -1.78
HN2 MVA A 7 9.07 6.11 -0.75
HN3 MVA A 7 9.56 4.52 -0.09
HA MVA A 7 8.31 4.27 1.48
HB MVA A 7 6.91 5.42 2.92
HG11 MVA A 7 7.33 7.74 2.16
HG12 MVA A 7 8.65 6.68 1.61
HG13 MVA A 7 7.41 7.21 0.46
HG21 MVA A 7 4.62 5.09 1.83
HG22 MVA A 7 4.95 6.71 2.44
HG23 MVA A 7 5.04 6.41 0.70
N IML A 8 6.86 1.88 0.66
CA IML A 8 6.23 0.55 0.92
C IML A 8 4.67 0.55 1.08
O IML A 8 4.12 0.42 2.16
CB IML A 8 6.97 -0.26 2.02
CN IML A 8 7.78 1.79 -0.50
CG2 IML A 8 6.65 -1.75 1.75
CG1 IML A 8 8.50 0.01 2.07
CD1 IML A 8 9.21 -0.78 3.19
HA IML A 8 6.35 -0.07 0.03
HB IML A 8 6.54 0.02 2.99
HN1 IML A 8 8.73 2.28 -0.28
HN2 IML A 8 8.00 0.75 -0.75
HN3 IML A 8 7.34 2.25 -1.39
HG21 IML A 8 5.57 -1.90 1.67
HG22 IML A 8 7.05 -2.05 0.77
HG23 IML A 8 7.04 -2.42 2.53
HG12 IML A 8 8.96 -0.23 1.11
HG13 IML A 8 8.68 1.07 2.24
HD11 IML A 8 10.22 -0.41 3.35
HD12 IML A 8 8.62 -0.68 4.11
HD13 IML A 8 9.28 -1.85 2.94
N SAR A 9 3.86 0.71 -0.05
CA SAR A 9 2.38 0.56 0.03
C SAR A 9 1.91 -0.91 -0.02
O SAR A 9 1.55 -1.50 0.99
CN SAR A 9 4.40 0.80 -1.42
HA2 SAR A 9 1.90 1.11 -0.78
HA3 SAR A 9 2.02 0.98 0.97
HN1 SAR A 9 4.85 -0.16 -1.69
HN2 SAR A 9 5.17 1.57 -1.50
HN3 SAR A 9 3.62 1.03 -2.15
N VAL A 10 1.91 -1.52 -1.21
CA VAL A 10 1.94 -2.99 -1.39
C VAL A 10 3.12 -3.58 -0.58
N IML A 11 3.01 -4.68 0.28
CA IML A 11 1.75 -5.49 0.47
C IML A 11 0.57 -4.71 1.13
O IML A 11 0.70 -4.15 2.21
CB IML A 11 1.91 -6.94 1.06
CN IML A 11 4.14 -5.06 1.15
CG2 IML A 11 0.58 -7.58 1.57
CG1 IML A 11 2.57 -7.86 0.00
CD1 IML A 11 3.15 -9.17 0.59
HA IML A 11 1.41 -5.67 -0.56
HB IML A 11 2.56 -6.88 1.95
HN1 IML A 11 4.52 -6.06 0.89
HN2 IML A 11 4.99 -4.37 1.07
HN3 IML A 11 3.82 -5.08 2.20
HG21 IML A 11 0.09 -6.96 2.34
HG22 IML A 11 -0.13 -7.73 0.74
HG23 IML A 11 0.77 -8.56 2.02
HG12 IML A 11 1.84 -8.11 -0.77
HG13 IML A 11 3.38 -7.33 -0.51
HD11 IML A 11 2.35 -9.81 0.99
HD12 IML A 11 3.66 -9.75 -0.19
HD13 IML A 11 3.86 -8.97 1.40
N SAR A 12 -0.67 -4.63 0.51
CA SAR A 12 -1.78 -3.73 1.03
C SAR A 12 -2.65 -3.08 -0.07
O SAR A 12 -2.27 -2.15 -0.75
CN SAR A 12 -1.03 -5.32 -0.75
HA2 SAR A 12 -1.37 -2.89 1.60
HA3 SAR A 12 -2.43 -4.30 1.70
HN1 SAR A 12 -2.09 -5.61 -0.75
HN2 SAR A 12 -0.47 -6.25 -0.87
HN3 SAR A 12 -0.83 -4.68 -1.61
N TRP A 1 -3.70 -3.41 -0.62
CA TRP A 1 -4.41 -2.87 -1.78
C TRP A 1 -5.56 -1.94 -1.39
N MVA A 2 -5.96 -0.87 -2.21
CN MVA A 2 -6.88 0.17 -1.66
CA MVA A 2 -5.24 -0.49 -3.49
CB MVA A 2 -6.14 0.25 -4.55
CG1 MVA A 2 -5.40 0.61 -5.85
CG2 MVA A 2 -7.37 -0.62 -4.94
C MVA A 2 -3.89 0.22 -3.20
O MVA A 2 -3.73 0.87 -2.18
HN1 MVA A 2 -7.45 -0.19 -0.79
HN2 MVA A 2 -6.29 1.04 -1.35
HN3 MVA A 2 -7.63 0.51 -2.39
HA MVA A 2 -4.95 -1.42 -4.00
HB MVA A 2 -6.50 1.19 -4.12
HG11 MVA A 2 -4.91 -0.25 -6.32
HG12 MVA A 2 -6.10 1.04 -6.59
HG13 MVA A 2 -4.63 1.38 -5.68
HG21 MVA A 2 -7.06 -1.54 -5.44
HG22 MVA A 2 -7.96 -0.91 -4.06
HG23 MVA A 2 -8.04 -0.05 -5.60
N ILE A 3 -2.91 0.09 -4.11
CA ILE A 3 -1.54 0.62 -3.98
C ILE A 3 -1.53 2.15 -3.70
N MVA A 4 -1.25 2.67 -2.44
CN MVA A 4 -0.82 1.80 -1.32
CA MVA A 4 -1.17 4.15 -2.09
CB MVA A 4 0.32 4.56 -1.92
CG1 MVA A 4 1.11 4.35 -3.23
CG2 MVA A 4 0.53 5.98 -1.32
C MVA A 4 -2.04 5.17 -2.91
O MVA A 4 -1.54 6.08 -3.56
HN1 MVA A 4 -1.46 0.91 -1.25
HN2 MVA A 4 0.21 1.49 -1.47
HN3 MVA A 4 -0.90 2.34 -0.37
HA MVA A 4 -1.62 4.26 -1.09
HB MVA A 4 0.78 3.90 -1.18
HG11 MVA A 4 1.24 3.28 -3.40
HG12 MVA A 4 0.57 4.77 -4.09
HG13 MVA A 4 2.11 4.81 -3.17
HG21 MVA A 4 0.27 6.77 -2.03
HG22 MVA A 4 -0.10 6.11 -0.43
HG23 MVA A 4 1.57 6.12 -1.01
N MVA A 5 -3.44 5.10 -2.93
CN MVA A 5 -4.18 3.94 -2.42
CA MVA A 5 -4.28 6.01 -3.79
CB MVA A 5 -4.35 5.39 -5.23
CG1 MVA A 5 -5.51 4.40 -5.51
CG2 MVA A 5 -4.34 6.50 -6.31
C MVA A 5 -5.60 6.53 -3.12
O MVA A 5 -6.71 6.31 -3.59
HN1 MVA A 5 -5.23 4.15 -2.25
HN2 MVA A 5 -4.11 3.16 -3.19
HN3 MVA A 5 -3.75 3.57 -1.48
HA MVA A 5 -3.72 6.95 -3.90
HB MVA A 5 -3.43 4.81 -5.33
HG11 MVA A 5 -5.65 3.69 -4.68
HG12 MVA A 5 -6.47 4.91 -5.66
HG13 MVA A 5 -5.30 3.82 -6.41
HG21 MVA A 5 -5.23 7.13 -6.25
HG22 MVA A 5 -3.47 7.15 -6.20
HG23 MVA A 5 -4.30 6.05 -7.31
N SAR A 6 -5.56 7.26 -1.94
CA SAR A 6 -6.79 7.47 -1.09
C SAR A 6 -7.25 6.24 -0.29
O SAR A 6 -6.81 5.13 -0.53
CN SAR A 6 -4.32 7.51 -1.17
HA2 SAR A 6 -7.66 7.71 -1.71
HA3 SAR A 6 -6.64 8.31 -0.40
HN1 SAR A 6 -4.45 8.36 -0.49
HN2 SAR A 6 -3.48 7.76 -1.85
HN3 SAR A 6 -4.04 6.64 -0.58
N MVA A 7 -8.18 6.37 0.73
CN MVA A 7 -8.71 7.66 1.24
CA MVA A 7 -8.87 5.17 1.34
CB MVA A 7 -9.95 4.58 0.38
CG1 MVA A 7 -10.85 5.71 -0.18
CG2 MVA A 7 -9.43 3.74 -0.82
C MVA A 7 -7.96 4.10 2.05
O MVA A 7 -8.22 2.91 1.98
HN1 MVA A 7 -9.09 7.53 2.26
HN2 MVA A 7 -7.91 8.41 1.31
HN3 MVA A 7 -9.51 8.05 0.61
HA MVA A 7 -9.47 5.54 2.18
HB MVA A 7 -10.59 3.92 0.98
HG11 MVA A 7 -11.21 6.31 0.66
HG12 MVA A 7 -10.27 6.36 -0.85
HG13 MVA A 7 -11.71 5.31 -0.74
HG21 MVA A 7 -8.68 2.99 -0.51
HG22 MVA A 7 -10.26 3.18 -1.29
HG23 MVA A 7 -8.99 4.36 -1.60
N IML A 8 -6.84 4.47 2.81
CA IML A 8 -5.93 3.47 3.47
C IML A 8 -5.39 2.32 2.57
O IML A 8 -5.83 1.18 2.61
CB IML A 8 -6.50 2.98 4.83
CN IML A 8 -6.38 5.84 3.06
CG2 IML A 8 -5.28 2.51 5.66
CG1 IML A 8 -7.33 4.06 5.61
CD1 IML A 8 -7.96 3.54 6.91
HA IML A 8 -5.00 3.99 3.74
HB IML A 8 -7.17 2.13 4.65
HN1 IML A 8 -5.86 6.25 2.18
HN2 IML A 8 -7.23 6.49 3.31
HN3 IML A 8 -5.69 5.87 3.91
HG21 IML A 8 -4.70 1.79 5.07
HG22 IML A 8 -4.61 3.36 5.83
HG23 IML A 8 -5.57 2.04 6.62
HG12 IML A 8 -6.70 4.93 5.84
HG13 IML A 8 -8.14 4.43 4.98
HD11 IML A 8 -8.57 2.64 6.71
HD12 IML A 8 -7.19 3.26 7.66
HD13 IML A 8 -8.61 4.30 7.36
N SAR A 9 -4.37 2.57 1.65
CA SAR A 9 -3.82 1.50 0.77
C SAR A 9 -2.87 0.49 1.46
O SAR A 9 -3.17 -0.68 1.60
CN SAR A 9 -3.74 3.90 1.47
HA2 SAR A 9 -3.26 1.94 -0.06
HA3 SAR A 9 -4.65 0.92 0.34
HN1 SAR A 9 -2.91 3.88 0.75
HN2 SAR A 9 -3.34 4.27 2.43
HN3 SAR A 9 -4.48 4.63 1.12
N VAL A 10 -1.70 0.97 1.89
CA VAL A 10 -0.77 0.18 2.74
C VAL A 10 -1.43 -0.07 4.12
N IML A 11 -1.46 -1.32 4.73
CA IML A 11 -0.84 -2.56 4.15
C IML A 11 -1.68 -3.28 3.03
O IML A 11 -2.86 -3.56 3.18
CB IML A 11 -0.20 -3.62 5.12
CN IML A 11 -2.25 -1.55 5.96
CG2 IML A 11 0.92 -3.00 5.99
CG1 IML A 11 -1.18 -4.49 5.96
CD1 IML A 11 -0.55 -5.82 6.45
HA IML A 11 0.03 -2.19 3.61
HB IML A 11 0.31 -4.32 4.44
HN1 IML A 11 -2.91 -0.69 6.19
HN2 IML A 11 -2.90 -2.42 5.83
HN3 IML A 11 -1.60 -1.71 6.83
HG21 IML A 11 0.51 -2.30 6.74
HG22 IML A 11 1.47 -3.77 6.54
HG23 IML A 11 1.65 -2.45 5.38
HG12 IML A 11 -1.56 -3.95 6.83
HG13 IML A 11 -2.05 -4.75 5.34
HD11 IML A 11 -1.29 -6.42 6.97
HD12 IML A 11 -0.16 -6.41 5.61
HD13 IML A 11 0.28 -5.62 7.14
N SAR A 12 -1.10 -3.62 1.81
CA SAR A 12 -1.86 -4.31 0.71
C SAR A 12 -2.38 -3.44 -0.44
O SAR A 12 -1.62 -2.82 -1.17
CN SAR A 12 0.30 -3.29 1.44
HA2 SAR A 12 -2.71 -4.85 1.13
HA3 SAR A 12 -1.22 -5.07 0.25
HN1 SAR A 12 0.99 -3.62 2.22
HN2 SAR A 12 0.42 -2.20 1.31
HN3 SAR A 12 0.58 -3.79 0.50
N TRP A 1 -3.97 -3.58 -0.29
CA TRP A 1 -4.83 -3.48 -1.49
C TRP A 1 -5.76 -2.25 -1.45
N MVA A 2 -5.53 -1.08 -2.17
CN MVA A 2 -6.47 0.07 -2.07
CA MVA A 2 -4.30 -0.78 -3.00
CB MVA A 2 -4.62 -0.71 -4.54
CG1 MVA A 2 -3.33 -0.56 -5.38
CG2 MVA A 2 -5.40 -1.97 -5.03
C MVA A 2 -3.49 0.44 -2.51
O MVA A 2 -3.73 1.60 -2.85
HN1 MVA A 2 -7.51 -0.28 -2.20
HN2 MVA A 2 -6.38 0.55 -1.09
HN3 MVA A 2 -6.28 0.83 -2.84
HA MVA A 2 -3.59 -1.61 -2.92
HB MVA A 2 -5.25 0.17 -4.74
HG11 MVA A 2 -2.81 0.37 -5.13
HG12 MVA A 2 -2.64 -1.40 -5.17
HG13 MVA A 2 -3.56 -0.55 -6.45
HG21 MVA A 2 -6.37 -2.07 -4.51
HG22 MVA A 2 -5.61 -1.91 -6.11
HG23 MVA A 2 -4.83 -2.88 -4.84
N ILE A 3 -2.49 0.15 -1.67
CA ILE A 3 -1.64 1.13 -0.96
C ILE A 3 -0.15 0.77 -1.16
N MVA A 4 0.50 1.04 -2.36
CN MVA A 4 -0.20 1.50 -3.56
CA MVA A 4 1.93 0.59 -2.62
CB MVA A 4 1.90 -0.88 -3.15
CG1 MVA A 4 1.75 -1.00 -4.68
CG2 MVA A 4 3.15 -1.64 -2.65
C MVA A 4 2.86 1.58 -3.39
O MVA A 4 3.47 1.26 -4.39
HN1 MVA A 4 -0.98 2.23 -3.30
HN2 MVA A 4 0.47 1.98 -4.28
HN3 MVA A 4 -0.67 0.64 -4.05
HA MVA A 4 2.41 0.54 -1.63
HB MVA A 4 1.02 -1.35 -2.72
HG11 MVA A 4 1.25 -1.96 -4.92
HG12 MVA A 4 1.15 -0.19 -5.11
HG13 MVA A 4 2.72 -0.99 -5.18
HG21 MVA A 4 3.12 -1.76 -1.57
HG22 MVA A 4 3.19 -2.65 -3.09
HG23 MVA A 4 4.07 -1.13 -2.94
N MVA A 5 3.02 2.90 -2.97
CN MVA A 5 2.31 3.45 -1.79
CA MVA A 5 3.76 3.93 -3.78
CB MVA A 5 2.71 4.72 -4.63
CG1 MVA A 5 2.10 5.98 -3.98
CG2 MVA A 5 3.28 5.07 -6.03
C MVA A 5 4.86 4.70 -3.01
O MVA A 5 4.67 5.79 -2.46
HN1 MVA A 5 1.31 3.74 -2.11
HN2 MVA A 5 2.26 2.72 -0.98
HN3 MVA A 5 2.83 4.34 -1.40
HA MVA A 5 4.33 3.39 -4.54
HB MVA A 5 1.89 4.02 -4.79
HG11 MVA A 5 2.83 6.80 -3.94
HG12 MVA A 5 1.26 6.34 -4.57
HG13 MVA A 5 1.74 5.80 -2.96
HG21 MVA A 5 4.14 5.75 -5.94
HG22 MVA A 5 3.63 4.17 -6.56
HG23 MVA A 5 2.53 5.56 -6.66
N SAR A 6 6.14 4.18 -2.88
CA SAR A 6 7.11 4.68 -1.85
C SAR A 6 7.01 3.99 -0.48
O SAR A 6 6.06 3.29 -0.18
CN SAR A 6 6.52 2.83 -3.38
HA2 SAR A 6 6.98 5.74 -1.60
HA3 SAR A 6 8.14 4.56 -2.22
HN1 SAR A 6 5.98 2.06 -2.84
HN2 SAR A 6 7.60 2.65 -3.26
HN3 SAR A 6 6.30 2.74 -4.45
N MVA A 7 8.02 4.15 0.46
CN MVA A 7 9.29 4.86 0.21
CA MVA A 7 7.87 3.70 1.89
CB MVA A 7 6.91 4.65 2.69
CG1 MVA A 7 7.28 6.12 2.43
CG2 MVA A 7 5.38 4.47 2.45
C MVA A 7 7.67 2.17 2.15
O MVA A 7 6.92 1.79 3.04
HN1 MVA A 7 9.16 5.95 0.29
HN2 MVA A 7 10.06 4.53 0.92
HN3 MVA A 7 9.68 4.62 -0.79
HA MVA A 7 8.83 3.89 2.40
HB MVA A 7 7.09 4.44 3.74
HG11 MVA A 7 8.36 6.27 2.61
HG12 MVA A 7 7.08 6.40 1.38
HG13 MVA A 7 6.73 6.81 3.08
HG21 MVA A 7 5.08 3.42 2.47
HG22 MVA A 7 4.82 4.99 3.24
HG23 MVA A 7 5.06 4.90 1.50
N IML A 8 8.34 1.18 1.42
CA IML A 8 8.22 -0.31 1.67
C IML A 8 6.84 -0.95 1.30
O IML A 8 5.78 -0.54 1.75
CB IML A 8 8.73 -0.68 3.09
CN IML A 8 9.28 1.47 0.30
CG2 IML A 8 8.80 -2.23 3.24
CG1 IML A 8 10.10 0.00 3.39
CD1 IML A 8 10.66 -0.33 4.79
HA IML A 8 8.95 -0.83 1.04
HB IML A 8 8.00 -0.33 3.84
HN1 IML A 8 8.73 1.79 -0.59
HN2 IML A 8 9.99 2.25 0.60
HN3 IML A 8 9.88 0.60 0.01
HG21 IML A 8 9.59 -2.65 2.60
HG22 IML A 8 9.02 -2.53 4.28
HG23 IML A 8 7.85 -2.71 3.00
HG12 IML A 8 10.83 -0.31 2.64
HG13 IML A 8 10.02 1.09 3.31
HD11 IML A 8 11.54 0.29 5.00
HD12 IML A 8 9.89 -0.11 5.54
HD13 IML A 8 10.95 -1.39 4.88
N SAR A 9 6.76 -2.04 0.44
CA SAR A 9 5.48 -2.78 0.18
C SAR A 9 5.30 -4.08 0.98
O SAR A 9 6.06 -4.46 1.85
CN SAR A 9 7.90 -2.80 -0.12
HA2 SAR A 9 5.41 -3.03 -0.88
HA3 SAR A 9 4.62 -2.13 0.43
HN1 SAR A 9 8.60 -2.13 -0.64
HN2 SAR A 9 7.54 -3.56 -0.82
HN3 SAR A 9 8.42 -3.32 0.69
N VAL A 10 4.21 -4.78 0.64
CA VAL A 10 3.67 -5.92 1.43
C VAL A 10 2.97 -6.99 0.58
N IML A 11 1.87 -6.76 -0.25
CA IML A 11 1.23 -5.42 -0.51
C IML A 11 -0.16 -5.15 0.16
O IML A 11 -1.02 -6.01 0.22
CB IML A 11 1.25 -4.98 -2.02
CN IML A 11 1.21 -7.89 -0.95
CG2 IML A 11 2.60 -5.29 -2.72
CG1 IML A 11 0.04 -5.48 -2.88
CD1 IML A 11 -0.19 -4.66 -4.15
HA IML A 11 1.88 -4.68 -0.03
HB IML A 11 1.17 -3.89 -2.01
HN1 IML A 11 1.76 -8.14 -1.87
HN2 IML A 11 1.18 -8.78 -0.30
HN3 IML A 11 0.18 -7.66 -1.21
HG21 IML A 11 3.44 -4.91 -2.13
HG22 IML A 11 2.73 -6.37 -2.86
HG23 IML A 11 2.66 -4.82 -3.71
HG12 IML A 11 0.18 -6.54 -3.16
HG13 IML A 11 -0.88 -5.44 -2.30
HD11 IML A 11 0.67 -4.70 -4.84
HD12 IML A 11 -1.07 -5.04 -4.70
HD13 IML A 11 -0.38 -3.60 -3.91
N SAR A 12 -0.47 -3.91 0.72
CA SAR A 12 -1.88 -3.55 1.02
C SAR A 12 -2.69 -3.23 -0.28
O SAR A 12 -2.16 -2.68 -1.23
CN SAR A 12 0.43 -2.72 0.66
HA2 SAR A 12 -1.97 -2.67 1.66
HA3 SAR A 12 -2.39 -4.37 1.52
HN1 SAR A 12 1.43 -2.96 1.01
HN2 SAR A 12 0.07 -1.90 1.30
HN3 SAR A 12 0.48 -2.34 -0.37
#